data_2W4L
#
_entry.id   2W4L
#
_cell.length_a   66.230
_cell.length_b   80.070
_cell.length_c   96.240
_cell.angle_alpha   90.00
_cell.angle_beta   94.34
_cell.angle_gamma   90.00
#
_symmetry.space_group_name_H-M   'P 1 21 1'
#
loop_
_entity.id
_entity.type
_entity.pdbx_description
1 polymer 'DEOXYCYTIDYLATE DEAMINASE'
2 non-polymer 'ZINC ION'
3 non-polymer 'CHLORIDE ION'
4 water water
#
_entity_poly.entity_id   1
_entity_poly.type   'polypeptide(L)'
_entity_poly.pdbx_seq_one_letter_code
;MSCKKRDDYLEWPEYFMAVAFLSAQRSKDPNSQVGACIVNSENKIVGIGYNGMPNGCSDDVLPWRRTAENKLDTKYPYVC
HAELNAIMNKNLTDVKGCSMYVALFPCNECAKLIIQAGIKEVIFMSDKYHDSDEATAARLLFNMAGVTFRKFIPKCSKIV
IDFDSINSRPSAHHHHHH
;
_entity_poly.pdbx_strand_id   A,B,C,D,E,F
#
# COMPACT_ATOMS: atom_id res chain seq x y z
N CYS A 3 14.98 -30.05 -27.51
CA CYS A 3 13.67 -29.51 -27.04
C CYS A 3 13.80 -28.04 -26.68
N LYS A 4 13.23 -27.18 -27.52
CA LYS A 4 13.42 -25.73 -27.42
C LYS A 4 12.10 -25.01 -27.13
N LYS A 5 12.19 -23.70 -26.90
CA LYS A 5 11.01 -22.89 -26.60
C LYS A 5 10.10 -22.74 -27.82
N ARG A 6 8.82 -22.42 -27.56
CA ARG A 6 7.86 -22.10 -28.64
C ARG A 6 8.32 -20.86 -29.41
N ASP A 7 7.98 -20.81 -30.69
CA ASP A 7 8.16 -19.62 -31.51
C ASP A 7 6.85 -18.84 -31.72
N ASP A 8 5.71 -19.51 -31.48
CA ASP A 8 4.37 -18.99 -31.78
C ASP A 8 3.58 -18.44 -30.57
N TYR A 9 4.26 -18.05 -29.51
CA TYR A 9 3.57 -17.54 -28.30
C TYR A 9 3.00 -16.13 -28.52
N LEU A 10 2.02 -15.76 -27.69
CA LEU A 10 1.42 -14.44 -27.72
C LEU A 10 2.37 -13.38 -27.13
N GLU A 11 2.69 -12.35 -27.91
CA GLU A 11 3.63 -11.33 -27.46
C GLU A 11 2.92 -10.26 -26.64
N TRP A 12 3.70 -9.47 -25.89
CA TRP A 12 3.10 -8.57 -24.90
C TRP A 12 2.20 -7.46 -25.46
N PRO A 13 2.55 -6.84 -26.61
CA PRO A 13 1.67 -5.77 -27.13
C PRO A 13 0.29 -6.29 -27.53
N GLU A 14 0.23 -7.43 -28.20
CA GLU A 14 -1.05 -8.01 -28.59
C GLU A 14 -1.78 -8.50 -27.35
N TYR A 15 -1.03 -9.03 -26.39
CA TYR A 15 -1.63 -9.53 -25.15
C TYR A 15 -2.39 -8.43 -24.38
N PHE A 16 -1.76 -7.26 -24.20
CA PHE A 16 -2.38 -6.17 -23.45
C PHE A 16 -3.61 -5.60 -24.16
N MET A 17 -3.55 -5.46 -25.49
CA MET A 17 -4.72 -5.02 -26.24
C MET A 17 -5.82 -6.10 -26.24
N ALA A 18 -5.41 -7.38 -26.27
CA ALA A 18 -6.38 -8.48 -26.17
C ALA A 18 -7.14 -8.47 -24.83
N VAL A 19 -6.44 -8.14 -23.74
CA VAL A 19 -7.09 -7.99 -22.44
C VAL A 19 -8.15 -6.86 -22.53
N ALA A 20 -7.80 -5.77 -23.19
CA ALA A 20 -8.76 -4.67 -23.40
C ALA A 20 -10.00 -5.15 -24.18
N PHE A 21 -9.78 -5.79 -25.31
CA PHE A 21 -10.89 -6.30 -26.13
C PHE A 21 -11.70 -7.42 -25.47
N LEU A 22 -11.05 -8.24 -24.64
CA LEU A 22 -11.76 -9.27 -23.89
C LEU A 22 -12.64 -8.63 -22.83
N SER A 23 -12.08 -7.68 -22.10
CA SER A 23 -12.84 -6.94 -21.10
CA SER A 23 -12.83 -6.93 -21.10
C SER A 23 -14.05 -6.25 -21.71
N ALA A 24 -13.89 -5.69 -22.91
CA ALA A 24 -15.00 -5.03 -23.62
C ALA A 24 -16.21 -5.96 -23.83
N GLN A 25 -15.96 -7.25 -24.03
CA GLN A 25 -17.03 -8.24 -24.20
C GLN A 25 -17.93 -8.43 -22.97
N ARG A 26 -17.50 -7.90 -21.83
CA ARG A 26 -18.34 -7.88 -20.63
C ARG A 26 -19.43 -6.82 -20.68
N SER A 27 -19.31 -5.85 -21.57
CA SER A 27 -20.22 -4.70 -21.61
C SER A 27 -21.67 -5.09 -21.92
N LYS A 28 -22.60 -4.48 -21.19
CA LYS A 28 -24.03 -4.72 -21.37
C LYS A 28 -24.65 -3.70 -22.32
N ASP A 29 -23.84 -2.73 -22.78
CA ASP A 29 -24.31 -1.71 -23.71
C ASP A 29 -24.50 -2.35 -25.09
N PRO A 30 -25.74 -2.31 -25.63
CA PRO A 30 -26.05 -2.95 -26.92
C PRO A 30 -25.41 -2.29 -28.14
N ASN A 31 -25.00 -1.04 -28.00
CA ASN A 31 -24.50 -0.27 -29.13
C ASN A 31 -22.98 -0.05 -29.13
N SER A 32 -22.35 -0.09 -27.96
CA SER A 32 -20.92 0.17 -27.85
C SER A 32 -20.29 -0.69 -26.76
N GLN A 33 -19.25 -1.44 -27.10
CA GLN A 33 -18.48 -2.18 -26.12
C GLN A 33 -17.01 -1.79 -26.28
N VAL A 34 -16.46 -1.16 -25.26
CA VAL A 34 -15.08 -0.69 -25.24
C VAL A 34 -14.37 -1.23 -23.99
N GLY A 35 -13.08 -1.49 -24.13
CA GLY A 35 -12.25 -1.94 -23.03
C GLY A 35 -10.96 -1.17 -22.93
N ALA A 36 -10.37 -1.17 -21.73
CA ALA A 36 -9.10 -0.51 -21.50
C ALA A 36 -8.24 -1.34 -20.55
N CYS A 37 -6.92 -1.21 -20.70
CA CYS A 37 -5.95 -1.96 -19.91
C CYS A 37 -4.74 -1.06 -19.57
N ILE A 38 -4.45 -0.87 -18.28
CA ILE A 38 -3.32 -0.03 -17.85
C ILE A 38 -2.14 -0.92 -17.43
N VAL A 39 -0.95 -0.60 -17.93
CA VAL A 39 0.27 -1.37 -17.69
C VAL A 39 1.40 -0.48 -17.17
N ASN A 40 2.17 -0.98 -16.20
CA ASN A 40 3.25 -0.20 -15.60
C ASN A 40 4.60 -0.43 -16.29
N SER A 41 5.65 0.21 -15.78
CA SER A 41 6.99 0.10 -16.35
C SER A 41 7.55 -1.33 -16.32
N GLU A 42 6.98 -2.18 -15.46
CA GLU A 42 7.37 -3.58 -15.36
C GLU A 42 6.59 -4.49 -16.32
N ASN A 43 5.74 -3.90 -17.17
CA ASN A 43 4.89 -4.67 -18.07
C ASN A 43 3.90 -5.57 -17.31
N LYS A 44 3.47 -5.09 -16.15
CA LYS A 44 2.43 -5.75 -15.37
C LYS A 44 1.14 -4.92 -15.47
N ILE A 45 0.00 -5.60 -15.52
CA ILE A 45 -1.31 -4.95 -15.64
C ILE A 45 -1.71 -4.42 -14.28
N VAL A 46 -2.01 -3.13 -14.21
CA VAL A 46 -2.39 -2.48 -12.95
C VAL A 46 -3.85 -2.01 -12.92
N GLY A 47 -4.58 -2.20 -14.02
CA GLY A 47 -5.96 -1.73 -14.09
C GLY A 47 -6.66 -2.16 -15.36
N ILE A 48 -7.91 -2.61 -15.25
CA ILE A 48 -8.70 -3.04 -16.42
C ILE A 48 -10.13 -2.50 -16.30
N GLY A 49 -10.70 -2.08 -17.42
CA GLY A 49 -12.05 -1.56 -17.40
C GLY A 49 -12.83 -1.80 -18.68
N TYR A 50 -14.14 -1.73 -18.56
CA TYR A 50 -15.03 -1.70 -19.71
C TYR A 50 -16.15 -0.70 -19.44
N ASN A 51 -16.86 -0.31 -20.49
CA ASN A 51 -17.95 0.64 -20.37
C ASN A 51 -19.22 0.02 -19.76
N GLY A 52 -19.81 0.72 -18.80
CA GLY A 52 -20.99 0.22 -18.08
C GLY A 52 -21.47 1.18 -17.03
N MET A 53 -22.52 0.78 -16.32
CA MET A 53 -23.11 1.60 -15.27
C MET A 53 -22.24 1.53 -13.99
N PRO A 54 -22.38 2.53 -13.11
CA PRO A 54 -21.51 2.48 -11.93
C PRO A 54 -21.78 1.27 -11.04
N ASN A 55 -20.83 0.99 -10.16
CA ASN A 55 -20.91 -0.13 -9.23
C ASN A 55 -22.18 -0.04 -8.39
N GLY A 56 -22.84 -1.19 -8.24
CA GLY A 56 -24.08 -1.27 -7.47
C GLY A 56 -25.33 -0.91 -8.25
N CYS A 57 -25.17 -0.42 -9.49
CA CYS A 57 -26.28 0.05 -10.31
C CYS A 57 -26.64 -1.00 -11.35
N SER A 58 -27.94 -1.25 -11.52
CA SER A 58 -28.40 -2.40 -12.30
C SER A 58 -28.47 -2.02 -13.77
N ASP A 59 -27.98 -2.95 -14.61
CA ASP A 59 -28.07 -2.79 -16.05
C ASP A 59 -29.49 -3.06 -16.53
N ASP A 60 -30.38 -3.43 -15.61
CA ASP A 60 -31.83 -3.49 -15.87
C ASP A 60 -32.60 -2.48 -15.00
N VAL A 61 -31.96 -1.38 -14.60
CA VAL A 61 -32.66 -0.30 -13.90
C VAL A 61 -32.38 1.08 -14.51
N LEU A 62 -31.23 1.24 -15.14
CA LEU A 62 -30.90 2.46 -15.86
C LEU A 62 -31.05 2.20 -17.36
N PRO A 63 -31.43 3.24 -18.12
CA PRO A 63 -31.73 3.08 -19.55
C PRO A 63 -30.48 3.00 -20.40
N TRP A 64 -30.55 2.20 -21.47
CA TRP A 64 -29.42 2.03 -22.40
C TRP A 64 -29.59 2.78 -23.73
N ARG A 65 -30.75 3.40 -23.95
CA ARG A 65 -31.02 4.07 -25.25
C ARG A 65 -30.22 5.36 -25.44
N ARG A 66 -29.93 5.67 -26.69
CA ARG A 66 -29.06 6.80 -27.04
C ARG A 66 -29.82 8.09 -27.28
N THR A 67 -31.10 7.98 -27.64
CA THR A 67 -31.93 9.17 -27.86
C THR A 67 -33.26 9.03 -27.11
N ALA A 68 -33.75 10.16 -26.63
CA ALA A 68 -35.06 10.23 -25.99
C ALA A 68 -35.44 11.70 -25.88
N GLU A 69 -36.70 11.97 -25.54
CA GLU A 69 -37.15 13.36 -25.35
C GLU A 69 -36.40 13.97 -24.16
N ASN A 70 -36.38 13.23 -23.06
CA ASN A 70 -35.68 13.64 -21.84
C ASN A 70 -34.32 12.94 -21.76
N LYS A 71 -33.27 13.73 -21.60
CA LYS A 71 -31.89 13.25 -21.43
C LYS A 71 -31.75 12.18 -20.34
N LEU A 72 -32.55 12.32 -19.28
CA LEU A 72 -32.56 11.39 -18.15
C LEU A 72 -33.06 9.98 -18.53
N ASP A 73 -33.68 9.86 -19.70
CA ASP A 73 -34.11 8.55 -20.24
C ASP A 73 -33.08 7.94 -21.19
N THR A 74 -31.89 8.54 -21.29
CA THR A 74 -30.80 7.99 -22.11
C THR A 74 -29.67 7.50 -21.21
N LYS A 75 -28.73 6.75 -21.76
CA LYS A 75 -27.60 6.18 -20.99
C LYS A 75 -26.58 7.24 -20.53
N TYR A 76 -26.55 8.38 -21.20
CA TYR A 76 -25.41 9.30 -21.11
C TYR A 76 -25.20 9.91 -19.73
N PRO A 77 -26.28 10.29 -19.04
CA PRO A 77 -26.09 10.79 -17.68
C PRO A 77 -25.49 9.78 -16.68
N TYR A 78 -25.44 8.50 -17.05
CA TYR A 78 -25.22 7.41 -16.11
C TYR A 78 -24.00 6.56 -16.38
N VAL A 79 -23.62 6.44 -17.65
CA VAL A 79 -22.65 5.45 -18.08
C VAL A 79 -21.22 5.87 -17.75
N CYS A 80 -20.40 4.89 -17.39
CA CYS A 80 -18.98 5.06 -17.16
C CYS A 80 -18.18 4.49 -18.32
N HIS A 81 -17.26 5.27 -18.87
CA HIS A 81 -16.41 4.79 -19.96
C HIS A 81 -15.35 3.83 -19.44
N ALA A 82 -14.81 3.02 -20.34
CA ALA A 82 -13.81 1.99 -20.00
C ALA A 82 -12.59 2.59 -19.31
N GLU A 83 -12.15 3.77 -19.77
CA GLU A 83 -10.95 4.41 -19.25
C GLU A 83 -11.12 4.82 -17.78
N LEU A 84 -12.28 5.42 -17.48
CA LEU A 84 -12.64 5.75 -16.11
C LEU A 84 -12.58 4.51 -15.20
N ASN A 85 -13.22 3.43 -15.62
CA ASN A 85 -13.25 2.20 -14.82
C ASN A 85 -11.90 1.54 -14.58
N ALA A 86 -11.03 1.57 -15.60
CA ALA A 86 -9.67 1.00 -15.48
C ALA A 86 -8.79 1.77 -14.48
N ILE A 87 -8.91 3.10 -14.51
CA ILE A 87 -8.19 3.98 -13.58
C ILE A 87 -8.74 3.85 -12.15
N MET A 88 -10.07 3.80 -12.01
CA MET A 88 -10.69 3.58 -10.69
C MET A 88 -10.49 2.16 -10.16
N ASN A 89 -10.21 1.21 -11.05
CA ASN A 89 -9.73 -0.12 -10.65
C ASN A 89 -8.22 -0.05 -10.41
N ASP A 94 -0.77 3.38 -7.18
CA ASP A 94 -1.09 4.37 -8.21
C ASP A 94 -0.82 3.80 -9.61
N VAL A 95 -1.14 4.59 -10.63
CA VAL A 95 -0.86 4.23 -12.02
C VAL A 95 0.00 5.31 -12.73
N LYS A 96 0.95 5.89 -11.98
CA LYS A 96 1.77 7.01 -12.47
C LYS A 96 3.04 6.55 -13.18
N GLY A 97 3.17 6.93 -14.45
CA GLY A 97 4.24 6.43 -15.32
C GLY A 97 3.81 5.20 -16.10
N CYS A 98 2.49 5.02 -16.24
CA CYS A 98 1.92 3.84 -16.90
C CYS A 98 1.46 4.16 -18.32
N SER A 99 1.07 3.11 -19.03
CA SER A 99 0.51 3.21 -20.37
C SER A 99 -0.89 2.62 -20.36
N MET A 100 -1.79 3.20 -21.16
CA MET A 100 -3.13 2.66 -21.31
C MET A 100 -3.37 2.16 -22.73
N TYR A 101 -3.70 0.87 -22.84
CA TYR A 101 -4.21 0.29 -24.08
C TYR A 101 -5.74 0.44 -24.11
N VAL A 102 -6.26 1.03 -25.18
CA VAL A 102 -7.70 1.25 -25.33
C VAL A 102 -8.18 0.90 -26.74
N ALA A 103 -9.39 0.34 -26.82
CA ALA A 103 -9.97 0.00 -28.11
C ALA A 103 -10.24 1.24 -28.94
N LEU A 104 -10.65 2.32 -28.28
CA LEU A 104 -11.09 3.54 -28.95
C LEU A 104 -10.41 4.75 -28.33
N PHE A 105 -9.95 5.68 -29.18
CA PHE A 105 -9.31 6.91 -28.72
C PHE A 105 -10.17 7.56 -27.63
N PRO A 106 -9.55 7.96 -26.50
CA PRO A 106 -10.34 8.51 -25.40
C PRO A 106 -11.04 9.84 -25.69
N CYS A 107 -12.26 10.00 -25.19
CA CYS A 107 -12.96 11.29 -25.19
C CYS A 107 -12.21 12.25 -24.26
N ASN A 108 -12.57 13.52 -24.35
CA ASN A 108 -11.91 14.56 -23.56
C ASN A 108 -12.09 14.43 -22.05
N GLU A 109 -13.22 13.86 -21.62
CA GLU A 109 -13.45 13.63 -20.20
C GLU A 109 -12.53 12.54 -19.65
N CYS A 110 -12.34 11.48 -20.43
CA CYS A 110 -11.38 10.45 -20.07
C CYS A 110 -9.95 10.97 -20.12
N ALA A 111 -9.67 11.86 -21.07
CA ALA A 111 -8.34 12.48 -21.20
C ALA A 111 -7.95 13.22 -19.92
N LYS A 112 -8.92 13.91 -19.31
CA LYS A 112 -8.69 14.58 -18.03
C LYS A 112 -8.25 13.60 -16.95
N LEU A 113 -9.00 12.50 -16.81
CA LEU A 113 -8.73 11.48 -15.79
CA LEU A 113 -8.73 11.50 -15.79
C LEU A 113 -7.38 10.81 -16.05
N ILE A 114 -7.11 10.52 -17.31
CA ILE A 114 -5.86 9.89 -17.72
C ILE A 114 -4.67 10.79 -17.31
N ILE A 115 -4.78 12.08 -17.58
CA ILE A 115 -3.73 13.04 -17.21
C ILE A 115 -3.57 13.13 -15.70
N GLN A 116 -4.67 13.34 -14.98
CA GLN A 116 -4.62 13.46 -13.52
C GLN A 116 -4.15 12.17 -12.85
N ALA A 117 -4.42 11.02 -13.47
CA ALA A 117 -3.90 9.73 -12.99
C ALA A 117 -2.40 9.55 -13.22
N GLY A 118 -1.78 10.41 -14.01
CA GLY A 118 -0.34 10.34 -14.26
C GLY A 118 0.05 9.32 -15.30
N ILE A 119 -0.91 8.89 -16.11
CA ILE A 119 -0.62 8.01 -17.24
C ILE A 119 0.10 8.83 -18.31
N LYS A 120 1.17 8.29 -18.88
CA LYS A 120 2.03 9.03 -19.81
C LYS A 120 1.87 8.62 -21.27
N GLU A 121 1.09 7.58 -21.53
CA GLU A 121 0.99 7.03 -22.87
C GLU A 121 -0.37 6.34 -23.10
N VAL A 122 -0.99 6.66 -24.23
CA VAL A 122 -2.24 6.03 -24.65
C VAL A 122 -2.04 5.33 -26.01
N ILE A 123 -2.33 4.04 -26.05
CA ILE A 123 -2.17 3.22 -27.24
C ILE A 123 -3.56 2.76 -27.64
N PHE A 124 -4.04 3.26 -28.78
CA PHE A 124 -5.43 3.05 -29.20
C PHE A 124 -5.51 2.20 -30.47
N MET A 125 -6.59 1.43 -30.59
CA MET A 125 -6.84 0.62 -31.76
C MET A 125 -7.57 1.45 -32.83
N SER A 126 -8.67 2.09 -32.45
CA SER A 126 -9.47 2.90 -33.39
C SER A 126 -9.49 4.38 -33.02
N ASP A 127 -9.32 5.25 -34.04
CA ASP A 127 -9.50 6.69 -33.88
C ASP A 127 -10.58 7.16 -34.87
N LYS A 128 -11.70 6.45 -34.83
CA LYS A 128 -12.80 6.56 -35.78
C LYS A 128 -13.46 7.94 -35.74
N TYR A 129 -13.43 8.58 -34.57
CA TYR A 129 -14.05 9.87 -34.36
C TYR A 129 -13.03 11.01 -34.25
N HIS A 130 -11.90 10.87 -34.95
CA HIS A 130 -10.81 11.84 -34.90
C HIS A 130 -11.28 13.29 -35.02
N ASP A 131 -12.24 13.53 -35.92
CA ASP A 131 -12.70 14.90 -36.21
C ASP A 131 -13.72 15.44 -35.21
N SER A 132 -14.14 14.60 -34.26
CA SER A 132 -15.09 15.02 -33.24
CA SER A 132 -15.09 15.02 -33.24
C SER A 132 -14.49 16.09 -32.34
N ASP A 133 -15.36 16.89 -31.72
CA ASP A 133 -14.94 17.91 -30.76
C ASP A 133 -14.29 17.22 -29.58
N GLU A 134 -14.93 16.15 -29.11
CA GLU A 134 -14.45 15.35 -27.99
C GLU A 134 -13.02 14.83 -28.21
N ALA A 135 -12.77 14.25 -29.39
CA ALA A 135 -11.43 13.73 -29.69
C ALA A 135 -10.43 14.87 -29.90
N THR A 136 -10.88 15.96 -30.53
CA THR A 136 -10.03 17.12 -30.75
C THR A 136 -9.60 17.77 -29.42
N ALA A 137 -10.54 17.90 -28.49
CA ALA A 137 -10.20 18.37 -27.13
C ALA A 137 -9.26 17.41 -26.41
N ALA A 138 -9.47 16.10 -26.58
CA ALA A 138 -8.61 15.09 -25.97
C ALA A 138 -7.16 15.20 -26.44
N ARG A 139 -6.96 15.30 -27.75
CA ARG A 139 -5.62 15.46 -28.32
C ARG A 139 -4.89 16.71 -27.81
N LEU A 140 -5.62 17.82 -27.73
CA LEU A 140 -5.07 19.08 -27.24
C LEU A 140 -4.62 18.96 -25.77
N LEU A 141 -5.45 18.32 -24.95
CA LEU A 141 -5.11 18.08 -23.54
C LEU A 141 -3.85 17.22 -23.41
N PHE A 142 -3.80 16.11 -24.15
CA PHE A 142 -2.65 15.20 -24.15
C PHE A 142 -1.37 15.90 -24.63
N ASN A 143 -1.49 16.69 -25.69
CA ASN A 143 -0.35 17.47 -26.18
C ASN A 143 0.19 18.42 -25.12
N MET A 144 -0.70 19.17 -24.48
CA MET A 144 -0.28 20.11 -23.43
CA MET A 144 -0.28 20.10 -23.43
C MET A 144 0.30 19.40 -22.21
N ALA A 145 -0.29 18.27 -21.83
CA ALA A 145 0.17 17.52 -20.66
C ALA A 145 1.43 16.69 -20.92
N GLY A 146 1.82 16.55 -22.19
CA GLY A 146 2.97 15.72 -22.53
C GLY A 146 2.65 14.24 -22.44
N VAL A 147 1.40 13.89 -22.75
CA VAL A 147 0.97 12.49 -22.82
C VAL A 147 1.03 12.00 -24.28
N THR A 148 1.77 10.91 -24.50
CA THR A 148 1.87 10.31 -25.83
C THR A 148 0.57 9.60 -26.23
N PHE A 149 0.21 9.70 -27.50
CA PHE A 149 -0.82 8.83 -28.04
C PHE A 149 -0.39 8.31 -29.40
N ARG A 150 -0.57 7.00 -29.61
CA ARG A 150 -0.15 6.33 -30.84
C ARG A 150 -1.07 5.17 -31.20
N LYS A 151 -1.21 4.91 -32.50
CA LYS A 151 -2.12 3.88 -32.99
C LYS A 151 -1.47 2.51 -32.85
N PHE A 152 -2.24 1.56 -32.35
CA PHE A 152 -1.79 0.17 -32.23
C PHE A 152 -1.86 -0.49 -33.61
N ILE A 153 -0.75 -1.12 -34.01
CA ILE A 153 -0.69 -1.90 -35.24
C ILE A 153 -0.46 -3.37 -34.86
N PRO A 154 -1.54 -4.17 -34.81
CA PRO A 154 -1.42 -5.55 -34.34
C PRO A 154 -0.74 -6.49 -35.35
N LYS A 155 -0.04 -7.49 -34.83
CA LYS A 155 0.55 -8.56 -35.65
C LYS A 155 -0.51 -9.51 -36.24
N CYS A 156 -1.64 -9.65 -35.55
CA CYS A 156 -2.74 -10.50 -36.00
C CYS A 156 -4.07 -9.79 -35.75
N SER A 157 -5.12 -10.16 -36.47
CA SER A 157 -6.41 -9.51 -36.33
C SER A 157 -7.29 -10.19 -35.28
N LYS A 158 -6.99 -11.43 -34.94
CA LYS A 158 -7.84 -12.15 -33.99
C LYS A 158 -7.12 -13.23 -33.19
N ILE A 159 -7.63 -13.45 -31.99
CA ILE A 159 -7.06 -14.37 -31.01
C ILE A 159 -8.17 -15.27 -30.49
N VAL A 160 -7.91 -16.57 -30.44
CA VAL A 160 -8.90 -17.53 -29.99
C VAL A 160 -8.51 -18.06 -28.62
N ILE A 161 -9.43 -17.94 -27.66
CA ILE A 161 -9.31 -18.58 -26.36
C ILE A 161 -10.06 -19.90 -26.45
N ASP A 162 -9.34 -21.01 -26.30
CA ASP A 162 -9.95 -22.34 -26.33
C ASP A 162 -9.83 -23.00 -24.95
N PHE A 163 -10.97 -23.15 -24.28
CA PHE A 163 -11.01 -23.76 -22.95
C PHE A 163 -10.72 -25.26 -22.98
N ASP A 164 -10.89 -25.91 -24.14
CA ASP A 164 -10.62 -27.34 -24.29
C ASP A 164 -9.15 -27.66 -24.62
N SER A 165 -8.31 -26.63 -24.77
CA SER A 165 -6.89 -26.81 -25.05
C SER A 165 -6.09 -27.45 -23.91
N ILE A 166 -6.62 -27.38 -22.68
CA ILE A 166 -5.92 -27.89 -21.51
C ILE A 166 -6.03 -29.42 -21.42
N ASP B 8 -15.26 26.84 23.09
CA ASP B 8 -15.42 27.08 21.62
C ASP B 8 -14.25 26.49 20.82
N TYR B 9 -14.37 25.21 20.49
CA TYR B 9 -13.43 24.56 19.57
C TYR B 9 -14.18 24.17 18.31
N LEU B 10 -13.46 24.10 17.20
CA LEU B 10 -14.02 23.69 15.90
C LEU B 10 -14.30 22.19 15.90
N GLU B 11 -15.48 21.78 15.44
CA GLU B 11 -15.86 20.36 15.38
C GLU B 11 -15.30 19.70 14.11
N TRP B 12 -15.23 18.37 14.09
CA TRP B 12 -14.64 17.65 12.94
C TRP B 12 -15.30 18.02 11.62
N PRO B 13 -16.64 17.91 11.54
CA PRO B 13 -17.33 18.31 10.30
C PRO B 13 -17.07 19.74 9.84
N GLU B 14 -17.13 20.71 10.75
CA GLU B 14 -16.78 22.10 10.41
C GLU B 14 -15.35 22.21 9.88
N TYR B 15 -14.45 21.47 10.53
CA TYR B 15 -13.03 21.47 10.17
C TYR B 15 -12.85 20.99 8.74
N PHE B 16 -13.44 19.84 8.42
CA PHE B 16 -13.30 19.24 7.08
C PHE B 16 -13.98 20.08 6.00
N MET B 17 -15.13 20.66 6.29
CA MET B 17 -15.76 21.57 5.33
C MET B 17 -14.92 22.83 5.19
N ALA B 18 -14.33 23.29 6.30
CA ALA B 18 -13.39 24.40 6.24
C ALA B 18 -12.19 24.09 5.33
N VAL B 19 -11.63 22.88 5.44
CA VAL B 19 -10.52 22.47 4.58
C VAL B 19 -10.92 22.48 3.09
N ALA B 20 -12.14 22.07 2.78
CA ALA B 20 -12.65 22.09 1.40
C ALA B 20 -12.77 23.52 0.86
N PHE B 21 -13.32 24.42 1.67
CA PHE B 21 -13.45 25.83 1.26
C PHE B 21 -12.09 26.52 1.15
N LEU B 22 -11.20 26.23 2.08
CA LEU B 22 -9.82 26.73 2.00
C LEU B 22 -9.16 26.30 0.70
N SER B 23 -9.31 25.03 0.34
CA SER B 23 -8.71 24.46 -0.85
C SER B 23 -9.15 25.17 -2.13
N ALA B 24 -10.40 25.65 -2.13
CA ALA B 24 -10.95 26.44 -3.24
C ALA B 24 -10.10 27.66 -3.60
N GLN B 25 -9.43 28.25 -2.61
CA GLN B 25 -8.64 29.47 -2.82
C GLN B 25 -7.33 29.22 -3.56
N ARG B 26 -6.96 27.94 -3.69
CA ARG B 26 -5.90 27.50 -4.58
C ARG B 26 -6.26 27.63 -6.06
N SER B 27 -7.55 27.73 -6.38
CA SER B 27 -8.00 27.71 -7.78
C SER B 27 -7.59 28.94 -8.58
N LYS B 28 -7.15 28.70 -9.82
CA LYS B 28 -6.78 29.76 -10.75
C LYS B 28 -7.93 30.10 -11.72
N ASP B 29 -9.09 29.48 -11.54
CA ASP B 29 -10.27 29.83 -12.31
C ASP B 29 -10.69 31.26 -11.90
N PRO B 30 -10.76 32.19 -12.87
CA PRO B 30 -11.11 33.58 -12.54
C PRO B 30 -12.58 33.80 -12.17
N ASN B 31 -13.46 32.87 -12.53
CA ASN B 31 -14.89 33.04 -12.30
C ASN B 31 -15.52 32.18 -11.20
N SER B 32 -14.95 31.00 -10.97
CA SER B 32 -15.54 30.03 -10.05
C SER B 32 -14.45 29.25 -9.32
N GLN B 33 -14.48 29.27 -8.00
CA GLN B 33 -13.50 28.56 -7.18
C GLN B 33 -14.22 27.58 -6.29
N VAL B 34 -13.83 26.31 -6.42
CA VAL B 34 -14.49 25.18 -5.77
C VAL B 34 -13.45 24.27 -5.10
N GLY B 35 -13.80 23.71 -3.94
CA GLY B 35 -12.90 22.84 -3.21
C GLY B 35 -13.58 21.61 -2.69
N ALA B 36 -12.79 20.60 -2.35
CA ALA B 36 -13.31 19.33 -1.88
C ALA B 36 -12.30 18.59 -1.01
N CYS B 37 -12.80 17.87 -0.02
CA CYS B 37 -11.94 17.18 0.94
C CYS B 37 -12.46 15.76 1.15
N ILE B 38 -11.57 14.78 1.09
CA ILE B 38 -11.95 13.37 1.33
C ILE B 38 -11.36 12.92 2.67
N VAL B 39 -12.19 12.26 3.47
CA VAL B 39 -11.84 11.87 4.84
C VAL B 39 -12.21 10.40 5.06
N ASN B 40 -11.35 9.65 5.76
CA ASN B 40 -11.68 8.27 6.13
C ASN B 40 -12.37 8.22 7.49
N SER B 41 -12.73 7.02 7.94
CA SER B 41 -13.44 6.85 9.22
C SER B 41 -12.60 7.20 10.45
N GLU B 42 -11.28 7.26 10.30
CA GLU B 42 -10.39 7.67 11.41
C GLU B 42 -10.17 9.18 11.45
N ASN B 43 -10.92 9.93 10.64
CA ASN B 43 -10.79 11.38 10.49
C ASN B 43 -9.44 11.87 9.98
N LYS B 44 -8.79 11.06 9.15
CA LYS B 44 -7.61 11.50 8.43
C LYS B 44 -8.06 12.08 7.10
N ILE B 45 -7.44 13.20 6.70
CA ILE B 45 -7.64 13.75 5.37
C ILE B 45 -6.90 12.86 4.40
N VAL B 46 -7.61 12.34 3.41
CA VAL B 46 -6.99 11.42 2.46
C VAL B 46 -6.82 12.05 1.08
N GLY B 47 -7.64 13.05 0.76
CA GLY B 47 -7.47 13.78 -0.48
C GLY B 47 -8.08 15.16 -0.41
N ILE B 48 -7.43 16.11 -1.06
CA ILE B 48 -7.96 17.45 -1.20
C ILE B 48 -7.92 17.81 -2.67
N GLY B 49 -8.90 18.57 -3.13
CA GLY B 49 -8.98 18.97 -4.53
C GLY B 49 -9.58 20.34 -4.73
N TYR B 50 -9.24 20.95 -5.86
CA TYR B 50 -9.87 22.18 -6.31
C TYR B 50 -10.00 22.17 -7.83
N ASN B 51 -10.91 22.99 -8.33
CA ASN B 51 -11.18 23.01 -9.76
C ASN B 51 -10.04 23.68 -10.52
N GLY B 52 -9.72 23.15 -11.70
CA GLY B 52 -8.67 23.70 -12.51
C GLY B 52 -8.42 22.89 -13.77
N MET B 53 -7.36 23.23 -14.48
CA MET B 53 -7.01 22.50 -15.69
C MET B 53 -6.13 21.32 -15.29
N PRO B 54 -6.08 20.28 -16.14
CA PRO B 54 -5.27 19.10 -15.80
C PRO B 54 -3.80 19.42 -15.53
N ASN B 55 -3.12 18.51 -14.83
CA ASN B 55 -1.70 18.63 -14.52
C ASN B 55 -0.87 18.89 -15.77
N GLY B 56 0.01 19.88 -15.70
CA GLY B 56 0.86 20.28 -16.84
C GLY B 56 0.20 21.17 -17.88
N CYS B 57 -1.07 21.56 -17.68
CA CYS B 57 -1.81 22.36 -18.65
C CYS B 57 -2.04 23.81 -18.16
N SER B 58 -3.09 24.46 -18.64
CA SER B 58 -3.22 25.92 -18.62
C SER B 58 -2.12 26.65 -17.84
N ASP B 59 -0.95 26.72 -18.48
CA ASP B 59 0.08 27.69 -18.14
C ASP B 59 -0.34 29.01 -18.83
N ASP B 60 -1.63 29.34 -18.73
CA ASP B 60 -2.27 30.43 -19.47
C ASP B 60 -2.75 30.06 -20.89
N VAL B 61 -2.60 28.78 -21.27
CA VAL B 61 -2.84 28.35 -22.67
C VAL B 61 -4.30 27.94 -22.97
N LEU B 62 -4.96 27.28 -22.02
CA LEU B 62 -6.36 26.87 -22.21
C LEU B 62 -7.32 28.00 -21.82
N PRO B 63 -8.48 28.07 -22.50
CA PRO B 63 -9.43 29.15 -22.22
C PRO B 63 -10.19 28.98 -20.91
N TRP B 64 -10.45 30.10 -20.23
CA TRP B 64 -11.26 30.11 -19.01
C TRP B 64 -12.68 30.63 -19.23
N ARG B 65 -12.97 31.12 -20.43
CA ARG B 65 -14.29 31.73 -20.69
C ARG B 65 -15.42 30.71 -20.70
N ARG B 66 -16.60 31.18 -20.32
CA ARG B 66 -17.76 30.30 -20.12
C ARG B 66 -18.63 30.17 -21.37
N THR B 67 -18.61 31.17 -22.24
CA THR B 67 -19.36 31.13 -23.50
C THR B 67 -18.47 31.56 -24.66
N ALA B 68 -18.74 30.99 -25.84
CA ALA B 68 -17.95 31.28 -27.04
C ALA B 68 -18.63 30.77 -28.31
N GLU B 69 -18.01 31.07 -29.46
CA GLU B 69 -18.49 30.63 -30.78
C GLU B 69 -18.80 29.12 -30.80
N ASN B 70 -17.78 28.32 -30.51
CA ASN B 70 -17.97 26.89 -30.28
C ASN B 70 -17.37 26.52 -28.93
N LYS B 71 -17.85 25.40 -28.38
CA LYS B 71 -17.47 24.97 -27.03
C LYS B 71 -15.96 24.79 -26.84
N LEU B 72 -15.22 24.49 -27.91
CA LEU B 72 -13.77 24.30 -27.81
C LEU B 72 -13.00 25.55 -27.37
N ASP B 73 -13.66 26.72 -27.46
CA ASP B 73 -13.11 28.00 -27.00
C ASP B 73 -13.54 28.35 -25.57
N THR B 74 -14.34 27.49 -24.96
CA THR B 74 -14.73 27.63 -23.56
C THR B 74 -13.91 26.67 -22.71
N LYS B 75 -14.00 26.83 -21.39
CA LYS B 75 -13.22 26.03 -20.44
C LYS B 75 -13.75 24.60 -20.24
N TYR B 76 -15.01 24.38 -20.62
CA TYR B 76 -15.75 23.18 -20.24
C TYR B 76 -15.21 21.85 -20.79
N PRO B 77 -14.67 21.86 -22.02
CA PRO B 77 -14.02 20.64 -22.52
C PRO B 77 -12.72 20.27 -21.81
N TYR B 78 -12.16 21.19 -21.02
CA TYR B 78 -10.82 21.06 -20.46
C TYR B 78 -10.73 21.02 -18.93
N VAL B 79 -11.67 21.67 -18.25
CA VAL B 79 -11.56 21.89 -16.79
C VAL B 79 -11.92 20.63 -15.98
N CYS B 80 -11.24 20.48 -14.83
CA CYS B 80 -11.47 19.36 -13.91
C CYS B 80 -12.15 19.85 -12.65
N HIS B 81 -13.23 19.18 -12.24
CA HIS B 81 -13.90 19.58 -11.02
C HIS B 81 -13.09 19.22 -9.77
N ALA B 82 -13.35 19.94 -8.70
CA ALA B 82 -12.71 19.72 -7.41
C ALA B 82 -12.80 18.25 -7.00
N GLU B 83 -13.98 17.66 -7.17
CA GLU B 83 -14.21 16.26 -6.77
C GLU B 83 -13.31 15.27 -7.50
N LEU B 84 -13.19 15.43 -8.82
CA LEU B 84 -12.26 14.63 -9.62
C LEU B 84 -10.83 14.76 -9.10
N ASN B 85 -10.40 15.99 -8.86
CA ASN B 85 -9.03 16.24 -8.41
C ASN B 85 -8.78 15.70 -7.00
N ALA B 86 -9.72 15.86 -6.09
CA ALA B 86 -9.62 15.27 -4.74
C ALA B 86 -9.39 13.76 -4.78
N ILE B 87 -10.14 13.07 -5.63
CA ILE B 87 -10.06 11.61 -5.79
C ILE B 87 -8.71 11.21 -6.40
N MET B 88 -8.31 11.91 -7.45
CA MET B 88 -7.01 11.69 -8.08
C MET B 88 -5.83 12.16 -7.22
N ASN B 89 -6.06 13.00 -6.21
CA ASN B 89 -4.99 13.50 -5.34
C ASN B 89 -4.63 12.61 -4.13
N LYS B 90 -5.29 11.46 -3.98
CA LYS B 90 -4.70 10.33 -3.23
C LYS B 90 -5.61 9.11 -3.31
N ASP B 94 -6.30 3.52 -1.35
CA ASP B 94 -7.60 3.85 -1.96
C ASP B 94 -8.46 4.69 -1.02
N VAL B 95 -9.57 5.18 -1.57
CA VAL B 95 -10.51 6.02 -0.83
C VAL B 95 -11.80 5.25 -0.52
N LYS B 96 -11.73 3.92 -0.53
CA LYS B 96 -12.91 3.09 -0.28
C LYS B 96 -13.36 3.21 1.17
N GLY B 97 -14.64 3.54 1.35
CA GLY B 97 -15.22 3.71 2.69
C GLY B 97 -15.10 5.12 3.23
N CYS B 98 -14.69 6.06 2.39
CA CYS B 98 -14.45 7.43 2.81
C CYS B 98 -15.69 8.30 2.61
N SER B 99 -15.61 9.52 3.13
CA SER B 99 -16.64 10.54 2.97
C SER B 99 -16.06 11.75 2.26
N MET B 100 -16.83 12.38 1.38
CA MET B 100 -16.40 13.60 0.69
C MET B 100 -17.17 14.85 1.10
N TYR B 101 -16.42 15.88 1.49
CA TYR B 101 -16.96 17.19 1.81
C TYR B 101 -16.85 18.11 0.61
N VAL B 102 -18.00 18.58 0.14
CA VAL B 102 -18.06 19.46 -1.02
C VAL B 102 -18.87 20.70 -0.68
N ALA B 103 -18.50 21.81 -1.28
CA ALA B 103 -19.31 23.03 -1.17
C ALA B 103 -20.67 22.79 -1.82
N LEU B 104 -20.65 22.36 -3.09
CA LEU B 104 -21.86 22.21 -3.88
C LEU B 104 -22.12 20.73 -4.19
N PHE B 105 -23.40 20.35 -4.23
CA PHE B 105 -23.78 18.97 -4.55
C PHE B 105 -23.17 18.56 -5.90
N PRO B 106 -22.51 17.38 -5.95
CA PRO B 106 -21.75 17.03 -7.15
C PRO B 106 -22.60 16.80 -8.37
N CYS B 107 -22.02 17.06 -9.53
CA CYS B 107 -22.67 16.79 -10.80
C CYS B 107 -22.65 15.29 -11.02
N ASN B 108 -23.42 14.83 -12.02
CA ASN B 108 -23.51 13.40 -12.31
C ASN B 108 -22.18 12.78 -12.77
N GLU B 109 -21.32 13.57 -13.41
CA GLU B 109 -20.02 13.05 -13.82
C GLU B 109 -19.12 12.79 -12.60
N CYS B 110 -19.13 13.71 -11.65
CA CYS B 110 -18.41 13.50 -10.40
C CYS B 110 -19.04 12.36 -9.59
N ALA B 111 -20.37 12.24 -9.67
CA ALA B 111 -21.09 11.17 -8.99
C ALA B 111 -20.58 9.78 -9.42
N LYS B 112 -20.38 9.60 -10.72
CA LYS B 112 -19.84 8.34 -11.27
C LYS B 112 -18.47 8.01 -10.68
N LEU B 113 -17.62 9.01 -10.60
CA LEU B 113 -16.27 8.88 -10.09
C LEU B 113 -16.28 8.57 -8.59
N ILE B 114 -17.12 9.30 -7.85
CA ILE B 114 -17.30 9.06 -6.40
C ILE B 114 -17.76 7.64 -6.11
N ILE B 115 -18.76 7.18 -6.86
CA ILE B 115 -19.24 5.80 -6.71
C ILE B 115 -18.14 4.78 -7.01
N GLN B 116 -17.43 4.98 -8.13
CA GLN B 116 -16.38 4.05 -8.56
C GLN B 116 -15.16 4.10 -7.66
N ALA B 117 -14.92 5.25 -7.02
CA ALA B 117 -13.85 5.36 -6.02
C ALA B 117 -14.19 4.65 -4.71
N GLY B 118 -15.47 4.33 -4.53
CA GLY B 118 -15.90 3.61 -3.32
C GLY B 118 -16.21 4.52 -2.15
N ILE B 119 -16.32 5.83 -2.40
CA ILE B 119 -16.76 6.80 -1.39
C ILE B 119 -18.22 6.51 -1.04
N LYS B 120 -18.55 6.53 0.25
CA LYS B 120 -19.86 6.08 0.71
C LYS B 120 -20.74 7.20 1.23
N GLU B 121 -20.18 8.40 1.39
CA GLU B 121 -20.92 9.52 1.91
C GLU B 121 -20.44 10.83 1.31
N VAL B 122 -21.39 11.66 0.89
CA VAL B 122 -21.10 13.01 0.41
C VAL B 122 -21.78 14.01 1.35
N ILE B 123 -21.01 14.97 1.85
CA ILE B 123 -21.50 16.02 2.74
C ILE B 123 -21.36 17.34 2.03
N PHE B 124 -22.49 17.98 1.73
CA PHE B 124 -22.51 19.16 0.90
C PHE B 124 -23.03 20.38 1.64
N MET B 125 -22.58 21.54 1.22
CA MET B 125 -23.05 22.82 1.74
C MET B 125 -24.32 23.25 1.03
N SER B 126 -24.26 23.27 -0.30
CA SER B 126 -25.35 23.79 -1.13
C SER B 126 -25.84 22.76 -2.14
N ASP B 127 -27.13 22.88 -2.45
CA ASP B 127 -27.80 22.05 -3.43
C ASP B 127 -28.69 22.96 -4.29
N LYS B 128 -28.14 24.11 -4.68
CA LYS B 128 -28.93 25.14 -5.36
C LYS B 128 -29.38 24.75 -6.77
N TYR B 129 -28.74 23.75 -7.37
CA TYR B 129 -29.14 23.22 -8.68
C TYR B 129 -29.88 21.88 -8.55
N HIS B 130 -30.64 21.73 -7.46
CA HIS B 130 -31.33 20.47 -7.13
C HIS B 130 -32.18 19.95 -8.28
N ASP B 131 -32.89 20.84 -8.93
CA ASP B 131 -33.85 20.46 -9.97
C ASP B 131 -33.19 20.23 -11.33
N SER B 132 -31.89 20.47 -11.46
CA SER B 132 -31.18 20.16 -12.70
C SER B 132 -31.13 18.65 -13.00
N ASP B 133 -30.93 18.30 -14.27
CA ASP B 133 -30.78 16.93 -14.72
C ASP B 133 -29.51 16.30 -14.12
N GLU B 134 -28.45 17.10 -14.06
CA GLU B 134 -27.16 16.66 -13.53
C GLU B 134 -27.30 16.26 -12.06
N ALA B 135 -27.98 17.11 -11.29
CA ALA B 135 -28.18 16.87 -9.87
C ALA B 135 -29.10 15.67 -9.67
N THR B 136 -30.17 15.61 -10.46
CA THR B 136 -31.12 14.52 -10.39
C THR B 136 -30.48 13.17 -10.69
N ALA B 137 -29.67 13.12 -11.74
CA ALA B 137 -28.97 11.92 -12.15
C ALA B 137 -27.99 11.47 -11.06
N ALA B 138 -27.31 12.45 -10.46
CA ALA B 138 -26.38 12.21 -9.34
C ALA B 138 -27.08 11.57 -8.17
N ARG B 139 -28.26 12.09 -7.81
CA ARG B 139 -29.03 11.54 -6.67
C ARG B 139 -29.47 10.12 -6.94
N LEU B 140 -29.98 9.88 -8.14
CA LEU B 140 -30.41 8.55 -8.54
C LEU B 140 -29.26 7.56 -8.45
N LEU B 141 -28.11 7.93 -9.00
CA LEU B 141 -26.95 7.05 -8.97
C LEU B 141 -26.48 6.77 -7.54
N PHE B 142 -26.40 7.80 -6.70
CA PHE B 142 -26.03 7.59 -5.30
C PHE B 142 -27.04 6.68 -4.58
N ASN B 143 -28.33 6.92 -4.82
CA ASN B 143 -29.40 6.08 -4.27
C ASN B 143 -29.19 4.61 -4.61
N MET B 144 -28.92 4.34 -5.89
CA MET B 144 -28.75 2.96 -6.39
C MET B 144 -27.45 2.33 -5.89
N ALA B 145 -26.40 3.13 -5.83
CA ALA B 145 -25.08 2.63 -5.40
C ALA B 145 -24.93 2.57 -3.87
N GLY B 146 -25.86 3.15 -3.13
CA GLY B 146 -25.82 3.08 -1.67
C GLY B 146 -24.94 4.16 -1.03
N VAL B 147 -24.71 5.24 -1.77
CA VAL B 147 -23.95 6.37 -1.26
C VAL B 147 -24.92 7.39 -0.68
N THR B 148 -24.77 7.71 0.60
CA THR B 148 -25.65 8.66 1.25
C THR B 148 -25.13 10.07 0.99
N PHE B 149 -26.05 11.02 1.03
CA PHE B 149 -25.70 12.43 0.85
C PHE B 149 -26.53 13.27 1.80
N ARG B 150 -25.86 14.17 2.52
CA ARG B 150 -26.53 15.00 3.51
C ARG B 150 -26.01 16.43 3.52
N LYS B 151 -26.93 17.37 3.71
CA LYS B 151 -26.58 18.78 3.78
C LYS B 151 -25.83 19.04 5.08
N PHE B 152 -24.77 19.84 4.98
CA PHE B 152 -24.00 20.26 6.13
C PHE B 152 -24.65 21.49 6.75
N ILE B 153 -24.92 21.44 8.05
CA ILE B 153 -25.43 22.58 8.83
C ILE B 153 -24.33 23.14 9.72
N PRO B 154 -23.70 24.25 9.32
CA PRO B 154 -22.62 24.81 10.13
C PRO B 154 -23.10 25.47 11.42
N LYS B 155 -22.36 25.28 12.51
CA LYS B 155 -22.62 26.01 13.75
C LYS B 155 -22.05 27.42 13.70
N CYS B 156 -21.13 27.67 12.77
CA CYS B 156 -20.56 29.00 12.54
C CYS B 156 -20.43 29.28 11.05
N SER B 157 -20.84 30.47 10.60
CA SER B 157 -20.79 30.81 9.18
C SER B 157 -19.39 31.18 8.69
N LYS B 158 -18.57 31.73 9.58
CA LYS B 158 -17.24 32.21 9.21
C LYS B 158 -16.14 31.70 10.14
N ILE B 159 -14.95 31.49 9.56
CA ILE B 159 -13.76 31.08 10.29
C ILE B 159 -12.63 31.97 9.80
N VAL B 160 -11.96 32.66 10.71
CA VAL B 160 -10.84 33.53 10.34
C VAL B 160 -9.52 32.87 10.73
N ILE B 161 -8.60 32.80 9.78
CA ILE B 161 -7.23 32.33 10.04
C ILE B 161 -6.32 33.55 10.02
N ASP B 162 -5.84 33.95 11.20
CA ASP B 162 -4.88 35.04 11.33
C ASP B 162 -3.56 34.43 11.79
N PHE B 163 -2.54 34.55 10.94
CA PHE B 163 -1.21 34.01 11.23
C PHE B 163 -0.53 34.74 12.39
N ASP B 164 -0.92 35.98 12.62
CA ASP B 164 -0.40 36.78 13.73
C ASP B 164 -1.10 36.46 15.07
N SER B 165 -2.14 35.63 15.03
CA SER B 165 -2.86 35.22 16.24
C SER B 165 -1.98 34.46 17.23
N ILE B 166 -0.98 33.75 16.70
CA ILE B 166 -0.05 32.97 17.53
C ILE B 166 0.85 33.87 18.40
N ASN B 167 1.23 35.03 17.88
CA ASN B 167 2.08 35.98 18.62
C ASN B 167 1.24 36.92 19.49
N ASP C 8 -4.73 36.54 -7.27
CA ASP C 8 -5.09 36.52 -5.81
C ASP C 8 -5.29 35.09 -5.25
N TYR C 9 -4.83 34.06 -5.96
CA TYR C 9 -4.98 32.70 -5.44
C TYR C 9 -3.98 32.41 -4.32
N LEU C 10 -4.35 31.47 -3.45
CA LEU C 10 -3.52 31.05 -2.32
C LEU C 10 -2.44 30.13 -2.84
N GLU C 11 -1.19 30.39 -2.47
CA GLU C 11 -0.07 29.56 -2.93
C GLU C 11 0.18 28.49 -1.89
N TRP C 12 0.90 27.43 -2.27
CA TRP C 12 1.01 26.23 -1.44
C TRP C 12 1.48 26.49 0.01
N PRO C 13 2.55 27.30 0.20
CA PRO C 13 3.04 27.53 1.57
C PRO C 13 2.01 28.17 2.51
N GLU C 14 1.32 29.19 2.02
CA GLU C 14 0.23 29.83 2.78
C GLU C 14 -0.94 28.86 3.00
N TYR C 15 -1.23 28.05 1.99
CA TYR C 15 -2.28 27.05 2.11
C TYR C 15 -1.96 26.09 3.24
N PHE C 16 -0.75 25.52 3.21
CA PHE C 16 -0.35 24.56 4.25
C PHE C 16 -0.25 25.15 5.66
N MET C 17 0.24 26.38 5.80
CA MET C 17 0.26 27.02 7.12
C MET C 17 -1.17 27.33 7.59
N ALA C 18 -2.05 27.68 6.66
CA ALA C 18 -3.46 27.89 6.97
C ALA C 18 -4.11 26.62 7.51
N VAL C 19 -3.80 25.48 6.89
CA VAL C 19 -4.28 24.19 7.38
C VAL C 19 -3.75 23.92 8.79
N ALA C 20 -2.46 24.19 9.03
CA ALA C 20 -1.89 24.13 10.38
C ALA C 20 -2.69 24.97 11.37
N PHE C 21 -2.99 26.22 11.00
CA PHE C 21 -3.76 27.11 11.88
C PHE C 21 -5.23 26.69 12.04
N LEU C 22 -5.83 26.22 10.96
CA LEU C 22 -7.18 25.64 11.01
C LEU C 22 -7.23 24.43 11.93
N SER C 23 -6.23 23.56 11.83
CA SER C 23 -6.14 22.38 12.70
C SER C 23 -6.05 22.74 14.17
N ALA C 24 -5.39 23.85 14.49
CA ALA C 24 -5.22 24.28 15.88
C ALA C 24 -6.56 24.55 16.56
N GLN C 25 -7.53 24.99 15.76
CA GLN C 25 -8.85 25.34 16.26
C GLN C 25 -9.67 24.11 16.62
N ARG C 26 -9.17 22.91 16.29
CA ARG C 26 -9.75 21.67 16.81
C ARG C 26 -9.40 21.43 18.28
N SER C 27 -8.44 22.19 18.81
CA SER C 27 -7.98 21.99 20.19
C SER C 27 -8.96 22.46 21.26
N LYS C 28 -9.21 21.59 22.23
CA LYS C 28 -10.03 21.92 23.40
C LYS C 28 -9.20 22.57 24.52
N ASP C 29 -7.88 22.58 24.36
CA ASP C 29 -6.97 23.21 25.30
C ASP C 29 -7.30 24.70 25.42
N PRO C 30 -7.73 25.15 26.60
CA PRO C 30 -8.14 26.56 26.75
C PRO C 30 -6.97 27.52 26.92
N ASN C 31 -5.79 26.98 27.22
CA ASN C 31 -4.61 27.79 27.47
C ASN C 31 -3.94 28.22 26.17
N SER C 32 -3.71 27.27 25.27
CA SER C 32 -3.15 27.58 23.95
C SER C 32 -3.52 26.52 22.92
N GLN C 33 -3.49 26.94 21.65
CA GLN C 33 -3.90 26.09 20.52
C GLN C 33 -2.82 26.12 19.45
N VAL C 34 -2.22 24.96 19.19
CA VAL C 34 -1.17 24.84 18.18
C VAL C 34 -1.58 23.77 17.17
N GLY C 35 -1.14 23.97 15.94
CA GLY C 35 -1.45 23.04 14.87
C GLY C 35 -0.23 22.74 14.04
N ALA C 36 -0.29 21.63 13.33
CA ALA C 36 0.82 21.15 12.53
C ALA C 36 0.29 20.35 11.34
N CYS C 37 0.98 20.47 10.22
CA CYS C 37 0.58 19.85 8.95
C CYS C 37 1.84 19.33 8.28
N ILE C 38 1.87 18.03 7.99
CA ILE C 38 3.00 17.39 7.32
C ILE C 38 2.66 17.18 5.85
N VAL C 39 3.60 17.55 4.98
CA VAL C 39 3.41 17.61 3.53
C VAL C 39 4.56 16.87 2.86
N ASN C 40 4.28 16.12 1.80
CA ASN C 40 5.35 15.47 1.00
C ASN C 40 5.77 16.34 -0.18
N SER C 41 6.76 15.86 -0.95
CA SER C 41 7.29 16.60 -2.10
C SER C 41 6.30 16.80 -3.25
N GLU C 42 5.21 16.03 -3.25
CA GLU C 42 4.15 16.19 -4.24
C GLU C 42 3.07 17.16 -3.75
N ASN C 43 3.35 17.92 -2.69
CA ASN C 43 2.38 18.83 -2.08
C ASN C 43 1.08 18.15 -1.64
N LYS C 44 1.20 16.93 -1.12
CA LYS C 44 0.06 16.24 -0.53
C LYS C 44 0.20 16.29 0.99
N ILE C 45 -0.91 16.57 1.65
CA ILE C 45 -1.00 16.51 3.11
C ILE C 45 -0.94 15.05 3.49
N VAL C 46 -0.01 14.70 4.35
CA VAL C 46 0.11 13.33 4.82
C VAL C 46 -0.10 13.18 6.33
N GLY C 47 -0.29 14.28 7.04
CA GLY C 47 -0.49 14.22 8.48
C GLY C 47 -0.89 15.57 9.01
N ILE C 48 -1.83 15.57 9.94
CA ILE C 48 -2.30 16.78 10.58
C ILE C 48 -2.43 16.49 12.07
N GLY C 49 -2.18 17.52 12.87
CA GLY C 49 -2.20 17.36 14.33
C GLY C 49 -2.47 18.67 15.04
N TYR C 50 -2.98 18.55 16.26
CA TYR C 50 -3.20 19.69 17.15
C TYR C 50 -2.95 19.19 18.57
N ASN C 51 -2.79 20.12 19.49
CA ASN C 51 -2.47 19.74 20.86
C ASN C 51 -3.72 19.30 21.60
N GLY C 52 -3.56 18.35 22.51
CA GLY C 52 -4.68 17.86 23.30
C GLY C 52 -4.32 16.67 24.18
N MET C 53 -5.33 16.08 24.80
CA MET C 53 -5.12 14.96 25.70
C MET C 53 -4.85 13.68 24.90
N PRO C 54 -4.26 12.67 25.54
CA PRO C 54 -4.07 11.40 24.84
C PRO C 54 -5.40 10.82 24.34
N ASN C 55 -5.34 9.96 23.32
CA ASN C 55 -6.53 9.33 22.77
C ASN C 55 -7.42 8.76 23.88
N GLY C 56 -8.71 9.09 23.85
CA GLY C 56 -9.69 8.61 24.83
C GLY C 56 -9.85 9.45 26.08
N CYS C 57 -8.97 10.45 26.25
CA CYS C 57 -8.86 11.19 27.51
C CYS C 57 -9.29 12.65 27.44
N SER C 58 -10.03 13.02 26.40
CA SER C 58 -10.41 14.43 26.18
C SER C 58 -11.39 14.98 27.22
N ASP C 59 -12.11 14.07 27.89
CA ASP C 59 -13.09 14.45 28.92
C ASP C 59 -12.44 14.44 30.32
N ASP C 60 -11.11 14.31 30.38
CA ASP C 60 -10.38 14.19 31.64
C ASP C 60 -9.70 15.52 32.03
N VAL C 61 -9.88 15.95 33.28
CA VAL C 61 -9.14 17.08 33.83
C VAL C 61 -8.40 16.62 35.09
N LEU C 62 -7.08 16.84 35.15
CA LEU C 62 -6.24 16.32 36.25
C LEU C 62 -5.38 17.36 36.97
N PRO C 63 -5.98 18.18 37.86
CA PRO C 63 -5.21 19.18 38.62
C PRO C 63 -4.08 18.60 39.48
N PRO C 77 3.01 16.87 30.77
CA PRO C 77 2.52 15.94 31.79
C PRO C 77 1.46 14.97 31.23
N TYR C 78 0.37 15.50 30.69
CA TYR C 78 -0.66 14.69 30.01
C TYR C 78 -0.79 15.07 28.53
N VAL C 79 -0.48 16.31 28.21
CA VAL C 79 -0.78 16.89 26.90
C VAL C 79 0.12 16.31 25.80
N CYS C 80 -0.47 16.08 24.62
CA CYS C 80 0.26 15.66 23.44
C CYS C 80 0.33 16.85 22.47
N HIS C 81 1.53 17.18 22.01
CA HIS C 81 1.71 18.36 21.17
C HIS C 81 1.26 18.09 19.75
N ALA C 82 0.92 19.15 19.05
CA ALA C 82 0.51 19.12 17.65
C ALA C 82 1.46 18.30 16.79
N GLU C 83 2.77 18.45 17.02
CA GLU C 83 3.79 17.81 16.19
C GLU C 83 3.78 16.31 16.36
N LEU C 84 3.66 15.87 17.61
CA LEU C 84 3.55 14.45 17.93
C LEU C 84 2.33 13.85 17.25
N ASN C 85 1.19 14.51 17.38
CA ASN C 85 -0.07 13.99 16.82
C ASN C 85 -0.06 13.94 15.31
N ALA C 86 0.48 14.97 14.67
CA ALA C 86 0.62 14.99 13.21
C ALA C 86 1.41 13.77 12.70
N ILE C 87 2.50 13.44 13.38
CA ILE C 87 3.34 12.31 13.00
C ILE C 87 2.65 10.98 13.27
N MET C 88 2.00 10.86 14.43
CA MET C 88 1.22 9.67 14.77
C MET C 88 0.00 9.48 13.87
N ASN C 89 -0.55 10.57 13.34
CA ASN C 89 -1.73 10.51 12.46
C ASN C 89 -1.44 10.19 10.99
N LYS C 90 -0.17 10.02 10.63
CA LYS C 90 0.22 9.23 9.44
C LYS C 90 1.70 9.38 9.19
N VAL C 95 6.97 9.18 6.52
CA VAL C 95 7.04 10.61 6.24
C VAL C 95 8.48 11.11 6.07
N LYS C 96 9.37 10.21 5.66
CA LYS C 96 10.77 10.54 5.41
C LYS C 96 10.85 11.50 4.22
N GLY C 97 11.60 12.59 4.38
CA GLY C 97 11.73 13.61 3.32
C GLY C 97 10.64 14.67 3.31
N CYS C 98 9.66 14.54 4.20
CA CYS C 98 8.54 15.48 4.29
C CYS C 98 8.90 16.78 4.99
N SER C 99 8.03 17.77 4.84
CA SER C 99 8.11 19.05 5.52
C SER C 99 6.95 19.19 6.50
N MET C 100 7.22 19.78 7.65
CA MET C 100 6.19 20.06 8.63
C MET C 100 5.98 21.57 8.77
N TYR C 101 4.74 21.98 8.59
CA TYR C 101 4.29 23.34 8.86
C TYR C 101 3.71 23.35 10.27
N VAL C 102 4.23 24.24 11.11
CA VAL C 102 3.81 24.32 12.51
C VAL C 102 3.58 25.77 12.90
N ALA C 103 2.53 26.02 13.68
CA ALA C 103 2.23 27.40 14.14
C ALA C 103 3.32 27.94 15.08
N LEU C 104 3.90 27.07 15.89
CA LEU C 104 4.94 27.43 16.86
C LEU C 104 6.19 26.56 16.70
N PHE C 105 7.37 27.15 16.87
CA PHE C 105 8.61 26.39 16.79
C PHE C 105 8.58 25.19 17.75
N PRO C 106 8.98 23.99 17.28
CA PRO C 106 8.88 22.80 18.15
C PRO C 106 9.77 22.81 19.40
N CYS C 107 9.29 22.17 20.46
CA CYS C 107 10.10 21.91 21.65
C CYS C 107 11.10 20.79 21.34
N ASN C 108 11.94 20.47 22.30
CA ASN C 108 13.02 19.49 22.09
C ASN C 108 12.53 18.06 21.95
N GLU C 109 11.41 17.74 22.63
CA GLU C 109 10.81 16.42 22.55
C GLU C 109 10.22 16.19 21.16
N CYS C 110 9.52 17.20 20.65
CA CYS C 110 8.96 17.14 19.31
C CYS C 110 10.05 17.14 18.23
N ALA C 111 11.15 17.84 18.49
CA ALA C 111 12.30 17.84 17.58
C ALA C 111 12.88 16.44 17.41
N LYS C 112 13.02 15.70 18.51
CA LYS C 112 13.44 14.29 18.47
C LYS C 112 12.51 13.42 17.61
N LEU C 113 11.21 13.59 17.78
CA LEU C 113 10.19 12.88 16.99
C LEU C 113 10.30 13.24 15.50
N ILE C 114 10.48 14.52 15.24
CA ILE C 114 10.61 15.05 13.88
C ILE C 114 11.87 14.48 13.19
N ILE C 115 12.98 14.43 13.92
CA ILE C 115 14.21 13.86 13.38
C ILE C 115 14.08 12.34 13.15
N GLN C 116 13.59 11.61 14.14
CA GLN C 116 13.44 10.15 13.99
C GLN C 116 12.40 9.75 12.95
N ALA C 117 11.43 10.63 12.69
CA ALA C 117 10.44 10.39 11.64
C ALA C 117 11.00 10.63 10.23
N GLY C 118 12.16 11.27 10.14
CA GLY C 118 12.80 11.54 8.85
C GLY C 118 12.33 12.82 8.17
N ILE C 119 11.60 13.68 8.89
CA ILE C 119 11.18 14.97 8.34
CA ILE C 119 11.18 14.97 8.33
C ILE C 119 12.42 15.85 8.11
N LYS C 120 12.48 16.50 6.95
CA LYS C 120 13.67 17.22 6.50
C LYS C 120 13.62 18.72 6.77
N GLU C 121 12.42 19.25 6.98
CA GLU C 121 12.18 20.69 7.00
C GLU C 121 11.04 21.03 7.96
N VAL C 122 11.27 22.01 8.84
CA VAL C 122 10.20 22.54 9.68
C VAL C 122 9.98 24.00 9.33
N ILE C 123 8.76 24.33 8.93
CA ILE C 123 8.40 25.71 8.62
C ILE C 123 7.48 26.19 9.72
N PHE C 124 7.94 27.19 10.47
CA PHE C 124 7.24 27.66 11.67
C PHE C 124 6.79 29.09 11.49
N MET C 125 5.67 29.44 12.11
CA MET C 125 5.18 30.81 12.07
C MET C 125 5.79 31.62 13.22
N SER C 126 5.60 31.17 14.45
CA SER C 126 6.11 31.88 15.63
C SER C 126 7.33 31.19 16.25
N ASP C 127 8.27 32.01 16.69
CA ASP C 127 9.42 31.54 17.46
C ASP C 127 9.59 32.47 18.66
N LYS C 128 8.46 32.78 19.28
CA LYS C 128 8.42 33.75 20.36
C LYS C 128 9.08 33.26 21.66
N TYR C 129 9.47 31.98 21.70
CA TYR C 129 10.19 31.39 22.82
C TYR C 129 11.61 30.98 22.41
N HIS C 130 12.17 31.70 21.43
CA HIS C 130 13.50 31.42 20.87
C HIS C 130 14.60 31.24 21.93
N ASP C 131 14.66 32.15 22.91
CA ASP C 131 15.74 32.09 23.92
C ASP C 131 15.53 31.04 25.01
N SER C 132 14.37 30.37 25.00
CA SER C 132 14.09 29.33 25.98
C SER C 132 15.02 28.12 25.81
N ASP C 133 15.11 27.34 26.88
CA ASP C 133 15.96 26.15 26.91
C ASP C 133 15.42 25.09 25.95
N GLU C 134 14.10 24.98 25.91
CA GLU C 134 13.41 24.02 25.04
C GLU C 134 13.69 24.28 23.56
N ALA C 135 13.47 25.52 23.12
CA ALA C 135 13.68 25.91 21.72
C ALA C 135 15.15 25.84 21.32
N THR C 136 16.04 26.14 22.28
CA THR C 136 17.50 26.10 22.07
C THR C 136 17.98 24.67 21.90
N ALA C 137 17.49 23.78 22.76
CA ALA C 137 17.76 22.35 22.63
C ALA C 137 17.22 21.83 21.29
N ALA C 138 16.03 22.28 20.90
CA ALA C 138 15.45 21.88 19.61
C ALA C 138 16.34 22.28 18.43
N ARG C 139 16.80 23.53 18.41
CA ARG C 139 17.68 24.03 17.35
C ARG C 139 18.97 23.22 17.29
N LEU C 140 19.52 22.93 18.46
CA LEU C 140 20.74 22.12 18.60
C LEU C 140 20.56 20.74 17.99
N LEU C 141 19.43 20.10 18.30
CA LEU C 141 19.13 18.77 17.76
C LEU C 141 18.96 18.86 16.24
N PHE C 142 18.23 19.87 15.76
CA PHE C 142 18.00 20.04 14.32
C PHE C 142 19.31 20.34 13.59
N ASN C 143 20.16 21.16 14.22
CA ASN C 143 21.49 21.44 13.68
C ASN C 143 22.36 20.18 13.56
N MET C 144 22.40 19.37 14.63
CA MET C 144 23.17 18.13 14.64
C MET C 144 22.70 17.15 13.58
N ALA C 145 21.38 17.05 13.41
CA ALA C 145 20.77 16.04 12.56
C ALA C 145 20.55 16.49 11.11
N GLY C 146 20.66 17.79 10.85
CA GLY C 146 20.47 18.30 9.50
C GLY C 146 19.02 18.49 9.10
N VAL C 147 18.17 18.80 10.07
CA VAL C 147 16.80 19.22 9.78
C VAL C 147 16.81 20.73 9.60
N THR C 148 16.32 21.19 8.46
CA THR C 148 16.25 22.61 8.17
C THR C 148 15.03 23.24 8.85
N PHE C 149 15.23 24.38 9.51
CA PHE C 149 14.12 25.14 10.08
C PHE C 149 14.05 26.55 9.52
N ARG C 150 12.85 26.92 9.10
CA ARG C 150 12.63 28.11 8.30
C ARG C 150 11.51 28.95 8.90
N LYS C 151 11.79 30.22 9.19
CA LYS C 151 10.76 31.14 9.62
C LYS C 151 9.84 31.38 8.43
N PHE C 152 8.55 31.16 8.65
CA PHE C 152 7.57 31.44 7.62
C PHE C 152 7.29 32.93 7.63
N ILE C 153 7.28 33.52 6.44
CA ILE C 153 6.92 34.92 6.28
C ILE C 153 5.80 34.99 5.22
N PRO C 154 4.55 35.11 5.69
CA PRO C 154 3.40 34.95 4.80
C PRO C 154 3.18 36.15 3.89
N LYS C 155 2.63 35.90 2.71
CA LYS C 155 2.19 36.97 1.82
C LYS C 155 1.03 37.70 2.50
N CYS C 156 -0.12 37.04 2.52
CA CYS C 156 -1.31 37.55 3.19
C CYS C 156 -1.23 37.33 4.70
N SER C 157 -1.76 38.27 5.48
CA SER C 157 -1.77 38.14 6.96
C SER C 157 -2.94 37.30 7.48
N LYS C 158 -4.07 37.33 6.77
CA LYS C 158 -5.28 36.63 7.21
C LYS C 158 -6.08 36.01 6.08
N ILE C 159 -6.77 34.92 6.40
CA ILE C 159 -7.56 34.16 5.42
C ILE C 159 -8.92 33.88 6.04
N VAL C 160 -9.98 34.03 5.25
CA VAL C 160 -11.35 33.86 5.76
C VAL C 160 -12.05 32.74 5.00
N ILE C 161 -12.49 31.73 5.73
CA ILE C 161 -13.34 30.69 5.19
C ILE C 161 -14.79 31.12 5.44
N ASP C 162 -15.56 31.23 4.36
CA ASP C 162 -16.94 31.72 4.42
C ASP C 162 -17.87 30.63 3.88
N PHE C 163 -18.59 29.96 4.78
CA PHE C 163 -19.50 28.88 4.39
C PHE C 163 -20.75 29.40 3.67
N ASP C 164 -21.10 30.66 3.90
CA ASP C 164 -22.23 31.28 3.20
C ASP C 164 -21.85 31.69 1.77
N SER C 165 -20.61 31.43 1.36
CA SER C 165 -20.13 31.84 0.04
C SER C 165 -20.75 31.06 -1.11
N ILE C 166 -21.31 29.89 -0.81
CA ILE C 166 -21.81 28.97 -1.83
C ILE C 166 -23.28 29.25 -2.21
N ASP D 8 15.96 -24.44 22.94
CA ASP D 8 14.80 -25.27 22.51
C ASP D 8 13.78 -24.39 21.77
N TYR D 9 12.61 -24.98 21.51
CA TYR D 9 11.48 -24.30 20.86
C TYR D 9 11.03 -23.05 21.62
N LEU D 10 10.81 -21.97 20.87
CA LEU D 10 10.35 -20.70 21.46
C LEU D 10 8.90 -20.46 21.12
N GLU D 11 8.08 -20.20 22.15
CA GLU D 11 6.72 -19.71 21.98
C GLU D 11 6.76 -18.24 21.55
N TRP D 12 5.65 -17.76 21.00
CA TRP D 12 5.56 -16.38 20.48
C TRP D 12 6.04 -15.31 21.45
N PRO D 13 5.55 -15.32 22.71
CA PRO D 13 5.94 -14.29 23.68
C PRO D 13 7.44 -14.23 23.98
N GLU D 14 8.04 -15.40 24.18
CA GLU D 14 9.48 -15.50 24.41
C GLU D 14 10.27 -15.04 23.19
N TYR D 15 9.81 -15.43 22.01
CA TYR D 15 10.40 -14.97 20.75
C TYR D 15 10.36 -13.43 20.62
N PHE D 16 9.21 -12.82 20.85
CA PHE D 16 9.07 -11.36 20.73
C PHE D 16 9.88 -10.60 21.76
N MET D 17 9.90 -11.06 23.01
CA MET D 17 10.75 -10.44 24.02
C MET D 17 12.23 -10.62 23.64
N ALA D 18 12.58 -11.78 23.11
CA ALA D 18 13.95 -12.02 22.63
C ALA D 18 14.35 -11.08 21.47
N VAL D 19 13.42 -10.72 20.59
CA VAL D 19 13.75 -9.77 19.53
C VAL D 19 14.08 -8.38 20.12
N ALA D 20 13.25 -7.93 21.07
CA ALA D 20 13.52 -6.71 21.82
C ALA D 20 14.90 -6.73 22.49
N PHE D 21 15.26 -7.83 23.13
CA PHE D 21 16.56 -7.93 23.81
C PHE D 21 17.71 -8.02 22.81
N LEU D 22 17.51 -8.75 21.72
CA LEU D 22 18.49 -8.79 20.64
C LEU D 22 18.74 -7.39 20.07
N SER D 23 17.66 -6.68 19.75
CA SER D 23 17.74 -5.30 19.24
C SER D 23 18.47 -4.36 20.19
N ALA D 24 18.21 -4.50 21.49
CA ALA D 24 18.94 -3.75 22.53
C ALA D 24 20.46 -3.79 22.36
N GLN D 25 20.98 -4.93 21.88
CA GLN D 25 22.43 -5.13 21.73
C GLN D 25 23.04 -4.28 20.61
N ARG D 26 22.20 -3.68 19.77
CA ARG D 26 22.65 -2.74 18.74
C ARG D 26 22.97 -1.35 19.30
N SER D 27 22.56 -1.11 20.54
CA SER D 27 22.71 0.20 21.16
C SER D 27 24.17 0.53 21.48
N LYS D 28 24.57 1.77 21.18
CA LYS D 28 25.90 2.28 21.49
C LYS D 28 25.97 3.00 22.84
N ASP D 29 24.80 3.17 23.49
CA ASP D 29 24.71 3.79 24.81
C ASP D 29 25.41 2.92 25.86
N PRO D 30 26.42 3.48 26.56
CA PRO D 30 27.19 2.68 27.52
C PRO D 30 26.46 2.48 28.84
N ASN D 31 25.49 3.34 29.14
CA ASN D 31 24.78 3.32 30.42
C ASN D 31 23.56 2.42 30.43
N SER D 32 22.89 2.32 29.27
CA SER D 32 21.62 1.59 29.16
C SER D 32 21.42 1.02 27.75
N GLN D 33 21.05 -0.26 27.70
CA GLN D 33 20.67 -0.92 26.44
C GLN D 33 19.26 -1.47 26.58
N VAL D 34 18.33 -0.85 25.86
CA VAL D 34 16.92 -1.19 25.94
C VAL D 34 16.41 -1.45 24.52
N GLY D 35 15.52 -2.43 24.39
CA GLY D 35 14.91 -2.76 23.12
C GLY D 35 13.39 -2.84 23.21
N ALA D 36 12.77 -2.72 22.04
CA ALA D 36 11.31 -2.77 21.93
C ALA D 36 10.92 -3.41 20.62
N CYS D 37 9.80 -4.13 20.65
CA CYS D 37 9.33 -4.89 19.52
C CYS D 37 7.81 -4.76 19.47
N ILE D 38 7.27 -4.24 18.37
CA ILE D 38 5.84 -4.02 18.22
C ILE D 38 5.26 -5.10 17.33
N VAL D 39 4.15 -5.69 17.79
CA VAL D 39 3.53 -6.85 17.15
C VAL D 39 2.04 -6.60 16.86
N ASN D 40 1.58 -6.95 15.66
CA ASN D 40 0.14 -6.85 15.34
C ASN D 40 -0.66 -8.10 15.75
N SER D 41 -1.98 -8.07 15.54
CA SER D 41 -2.88 -9.17 15.92
C SER D 41 -2.56 -10.54 15.29
N GLU D 42 -1.91 -10.53 14.13
CA GLU D 42 -1.51 -11.77 13.44
C GLU D 42 -0.04 -12.16 13.73
N ASN D 43 0.51 -11.67 14.85
CA ASN D 43 1.89 -11.96 15.24
C ASN D 43 2.95 -11.61 14.20
N LYS D 44 2.69 -10.54 13.44
CA LYS D 44 3.72 -9.94 12.61
C LYS D 44 4.41 -8.87 13.41
N ILE D 45 5.73 -8.86 13.37
CA ILE D 45 6.52 -7.76 13.90
C ILE D 45 6.34 -6.56 12.98
N VAL D 46 5.82 -5.46 13.51
CA VAL D 46 5.58 -4.25 12.71
C VAL D 46 6.55 -3.13 13.04
N GLY D 47 7.34 -3.29 14.10
CA GLY D 47 8.31 -2.27 14.45
C GLY D 47 9.32 -2.75 15.47
N ILE D 48 10.58 -2.37 15.25
CA ILE D 48 11.67 -2.69 16.17
C ILE D 48 12.45 -1.42 16.48
N GLY D 49 12.86 -1.28 17.74
CA GLY D 49 13.62 -0.14 18.18
C GLY D 49 14.60 -0.50 19.28
N TYR D 50 15.63 0.33 19.42
CA TYR D 50 16.55 0.31 20.55
C TYR D 50 16.92 1.75 20.90
N ASN D 51 17.46 1.97 22.10
CA ASN D 51 17.77 3.33 22.54
C ASN D 51 19.08 3.87 21.95
N GLY D 52 19.09 5.16 21.64
CA GLY D 52 20.30 5.77 21.12
C GLY D 52 20.15 7.24 20.78
N MET D 53 21.09 7.74 19.98
CA MET D 53 21.10 9.14 19.60
C MET D 53 20.23 9.37 18.38
N PRO D 54 19.80 10.62 18.16
CA PRO D 54 18.96 10.91 16.99
C PRO D 54 19.67 10.58 15.69
N ASN D 55 18.90 10.28 14.65
CA ASN D 55 19.44 10.04 13.30
C ASN D 55 20.31 11.20 12.84
N GLY D 56 21.47 10.87 12.26
CA GLY D 56 22.42 11.86 11.78
C GLY D 56 23.29 12.47 12.88
N CYS D 57 23.40 11.78 14.02
CA CYS D 57 24.27 12.22 15.10
C CYS D 57 25.26 11.11 15.45
N VAL D 61 31.07 11.01 20.92
CA VAL D 61 30.83 12.19 21.73
C VAL D 61 30.07 13.27 20.94
N LEU D 62 28.79 13.42 21.24
CA LEU D 62 27.97 14.44 20.61
C LEU D 62 28.37 15.83 21.11
N PRO D 63 28.36 16.84 20.22
CA PRO D 63 28.76 18.18 20.61
C PRO D 63 27.72 18.91 21.47
N TRP D 64 28.17 19.96 22.16
CA TRP D 64 27.30 20.89 22.88
C TRP D 64 26.53 20.22 24.03
N ARG D 65 27.09 19.12 24.53
CA ARG D 65 26.42 18.28 25.53
C ARG D 65 26.29 18.98 26.88
N ARG D 66 27.32 19.72 27.29
CA ARG D 66 27.31 20.47 28.55
C ARG D 66 26.29 21.60 28.50
N THR D 67 26.16 22.25 27.34
CA THR D 67 25.13 23.26 27.12
C THR D 67 23.74 22.64 27.19
N ALA D 68 23.56 21.50 26.52
CA ALA D 68 22.29 20.78 26.50
C ALA D 68 21.94 20.23 27.90
N GLU D 69 22.94 19.71 28.60
CA GLU D 69 22.75 19.20 29.97
C GLU D 69 22.23 20.29 30.92
N ASN D 70 22.87 21.45 30.88
CA ASN D 70 22.52 22.57 31.75
C ASN D 70 21.13 23.16 31.45
N LYS D 71 20.82 23.30 30.16
CA LYS D 71 19.55 23.90 29.72
C LYS D 71 18.36 22.96 29.95
N THR D 74 19.03 17.49 32.68
CA THR D 74 19.27 16.05 32.57
C THR D 74 20.72 15.76 32.15
N LYS D 75 21.15 14.53 32.41
CA LYS D 75 22.45 14.04 31.95
C LYS D 75 22.34 13.30 30.61
N TYR D 76 21.11 13.19 30.09
CA TYR D 76 20.85 12.50 28.84
C TYR D 76 19.92 13.34 27.94
N PRO D 77 20.39 14.53 27.50
CA PRO D 77 19.52 15.47 26.78
C PRO D 77 19.19 15.06 25.33
N TYR D 78 20.03 14.20 24.75
CA TYR D 78 19.92 13.86 23.33
C TYR D 78 19.26 12.51 23.04
N VAL D 79 19.20 11.63 24.05
CA VAL D 79 18.83 10.23 23.85
C VAL D 79 17.41 10.03 23.30
N CYS D 80 17.27 9.06 22.40
CA CYS D 80 15.98 8.63 21.88
C CYS D 80 15.72 7.22 22.39
N HIS D 81 14.57 7.02 23.02
CA HIS D 81 14.25 5.76 23.68
C HIS D 81 13.84 4.67 22.71
N ALA D 82 14.10 3.43 23.10
CA ALA D 82 13.71 2.23 22.33
C ALA D 82 12.28 2.30 21.82
N GLU D 83 11.35 2.74 22.66
CA GLU D 83 9.92 2.76 22.34
C GLU D 83 9.59 3.78 21.26
N LEU D 84 10.21 4.95 21.37
CA LEU D 84 10.09 6.00 20.36
C LEU D 84 10.59 5.51 19.01
N ASN D 85 11.75 4.86 19.01
CA ASN D 85 12.33 4.35 17.76
C ASN D 85 11.54 3.22 17.12
N ALA D 86 11.02 2.28 17.93
CA ALA D 86 10.16 1.22 17.41
C ALA D 86 8.90 1.78 16.72
N ILE D 87 8.30 2.80 17.34
CA ILE D 87 7.09 3.42 16.83
C ILE D 87 7.36 4.15 15.51
N MET D 88 8.50 4.85 15.43
CA MET D 88 8.89 5.57 14.22
C MET D 88 9.26 4.65 13.07
N ASN D 89 9.72 3.44 13.37
CA ASN D 89 10.00 2.43 12.34
C ASN D 89 8.74 1.68 11.90
N LYS D 90 7.68 1.73 12.71
CA LYS D 90 6.42 1.04 12.43
C LYS D 90 5.63 1.72 11.33
N VAL D 95 0.53 1.33 13.46
CA VAL D 95 0.58 0.44 14.63
C VAL D 95 -0.80 0.21 15.29
N LYS D 96 -1.87 0.50 14.53
CA LYS D 96 -3.22 -0.08 14.72
C LYS D 96 -3.62 -0.38 16.19
N GLY D 97 -3.91 -1.64 16.52
CA GLY D 97 -4.18 -2.08 17.88
C GLY D 97 -3.16 -3.15 18.23
N CYS D 98 -1.90 -2.74 18.27
CA CYS D 98 -0.77 -3.67 18.40
C CYS D 98 -0.37 -3.85 19.86
N SER D 99 0.56 -4.77 20.08
CA SER D 99 1.21 -4.97 21.38
C SER D 99 2.68 -4.56 21.27
N MET D 100 3.24 -4.05 22.36
CA MET D 100 4.66 -3.74 22.42
C MET D 100 5.36 -4.57 23.50
N TYR D 101 6.37 -5.31 23.09
CA TYR D 101 7.27 -5.98 24.02
C TYR D 101 8.45 -5.06 24.25
N VAL D 102 8.75 -4.79 25.53
CA VAL D 102 9.82 -3.86 25.88
C VAL D 102 10.63 -4.39 27.05
N ALA D 103 11.95 -4.20 27.01
CA ALA D 103 12.84 -4.73 28.06
C ALA D 103 12.62 -4.08 29.42
N LEU D 104 12.23 -2.81 29.40
CA LEU D 104 12.08 -1.98 30.60
C LEU D 104 10.76 -1.23 30.52
N PHE D 105 10.02 -1.20 31.63
CA PHE D 105 8.78 -0.43 31.70
C PHE D 105 8.96 1.01 31.17
N PRO D 106 8.07 1.45 30.25
CA PRO D 106 8.19 2.77 29.61
C PRO D 106 8.09 3.97 30.55
N CYS D 107 8.82 5.03 30.21
CA CYS D 107 8.70 6.31 30.90
C CYS D 107 7.43 7.02 30.42
N ASN D 108 7.09 8.13 31.06
CA ASN D 108 5.87 8.89 30.76
C ASN D 108 5.78 9.48 29.36
N GLU D 109 6.92 9.90 28.80
CA GLU D 109 6.93 10.43 27.44
C GLU D 109 6.66 9.31 26.44
N CYS D 110 7.30 8.16 26.66
CA CYS D 110 7.08 6.99 25.81
C CYS D 110 5.64 6.48 25.94
N ALA D 111 5.09 6.56 27.15
CA ALA D 111 3.68 6.22 27.37
C ALA D 111 2.74 7.01 26.46
N LYS D 112 2.97 8.32 26.33
CA LYS D 112 2.19 9.16 25.40
C LYS D 112 2.30 8.72 23.93
N LEU D 113 3.51 8.40 23.49
CA LEU D 113 3.75 7.92 22.12
C LEU D 113 3.02 6.61 21.90
N ILE D 114 3.12 5.71 22.88
CA ILE D 114 2.49 4.40 22.82
C ILE D 114 0.96 4.53 22.73
N ILE D 115 0.39 5.44 23.53
CA ILE D 115 -1.05 5.68 23.52
C ILE D 115 -1.47 6.27 22.17
N GLN D 116 -0.79 7.32 21.72
CA GLN D 116 -1.11 7.95 20.44
C GLN D 116 -0.86 7.04 19.23
N ALA D 117 0.03 6.05 19.38
CA ALA D 117 0.29 5.06 18.34
C ALA D 117 -0.84 4.02 18.18
N GLY D 118 -1.72 3.93 19.18
CA GLY D 118 -2.84 3.00 19.14
C GLY D 118 -2.53 1.65 19.77
N ILE D 119 -1.37 1.54 20.40
CA ILE D 119 -0.96 0.30 21.06
C ILE D 119 -1.84 0.06 22.29
N LYS D 120 -2.35 -1.16 22.41
CA LYS D 120 -3.33 -1.52 23.44
C LYS D 120 -2.72 -2.30 24.59
N GLU D 121 -1.50 -2.80 24.39
CA GLU D 121 -0.85 -3.66 25.36
C GLU D 121 0.67 -3.47 25.38
N VAL D 122 1.22 -3.38 26.58
CA VAL D 122 2.66 -3.28 26.78
C VAL D 122 3.08 -4.43 27.68
N ILE D 123 3.95 -5.28 27.14
CA ILE D 123 4.50 -6.43 27.86
C ILE D 123 5.95 -6.09 28.19
N PHE D 124 6.29 -6.04 29.48
CA PHE D 124 7.61 -5.55 29.90
C PHE D 124 8.38 -6.58 30.73
N MET D 125 9.69 -6.60 30.58
CA MET D 125 10.52 -7.54 31.34
C MET D 125 10.86 -6.97 32.71
N SER D 126 11.48 -5.80 32.73
CA SER D 126 11.90 -5.18 33.99
C SER D 126 11.01 -4.01 34.38
N ASP D 127 10.70 -3.95 35.67
CA ASP D 127 10.06 -2.81 36.28
C ASP D 127 10.90 -2.36 37.49
N LYS D 128 12.22 -2.33 37.26
CA LYS D 128 13.24 -1.79 38.20
C LYS D 128 12.87 -0.47 38.85
N TYR D 129 12.29 0.43 38.06
CA TYR D 129 12.02 1.79 38.51
C TYR D 129 10.53 2.02 38.80
N HIS D 130 9.86 1.00 39.35
CA HIS D 130 8.42 1.10 39.65
C HIS D 130 8.07 2.32 40.50
N ASP D 131 8.87 2.59 41.54
CA ASP D 131 8.59 3.68 42.47
C ASP D 131 9.04 5.06 41.97
N SER D 132 9.62 5.12 40.77
CA SER D 132 9.99 6.40 40.17
C SER D 132 8.75 7.18 39.74
N ASP D 133 8.92 8.50 39.62
CA ASP D 133 7.83 9.39 39.24
C ASP D 133 7.44 9.17 37.78
N GLU D 134 8.44 8.88 36.95
CA GLU D 134 8.24 8.57 35.53
C GLU D 134 7.35 7.33 35.34
N ALA D 135 7.72 6.23 36.00
CA ALA D 135 6.95 4.99 35.93
C ALA D 135 5.54 5.16 36.49
N THR D 136 5.42 5.88 37.62
CA THR D 136 4.10 6.16 38.22
C THR D 136 3.25 6.97 37.25
N ALA D 137 3.84 8.01 36.68
CA ALA D 137 3.15 8.82 35.68
C ALA D 137 2.74 7.97 34.46
N ALA D 138 3.63 7.06 34.04
CA ALA D 138 3.34 6.15 32.92
C ALA D 138 2.17 5.23 33.21
N ARG D 139 2.16 4.61 34.39
CA ARG D 139 1.05 3.72 34.79
C ARG D 139 -0.31 4.44 34.74
N LEU D 140 -0.33 5.67 35.23
CA LEU D 140 -1.55 6.48 35.24
C LEU D 140 -2.03 6.79 33.83
N LEU D 141 -1.11 7.20 32.94
CA LEU D 141 -1.45 7.49 31.53
C LEU D 141 -2.05 6.26 30.82
N PHE D 142 -1.43 5.11 31.02
CA PHE D 142 -1.94 3.86 30.48
C PHE D 142 -3.33 3.53 31.02
N ASN D 143 -3.54 3.68 32.31
CA ASN D 143 -4.88 3.39 32.88
C ASN D 143 -5.96 4.34 32.36
N MET D 144 -5.62 5.62 32.20
CA MET D 144 -6.55 6.60 31.63
C MET D 144 -6.95 6.29 30.21
N ALA D 145 -6.00 5.77 29.43
CA ALA D 145 -6.19 5.58 27.99
C ALA D 145 -6.59 4.15 27.63
N GLY D 146 -6.71 3.29 28.63
CA GLY D 146 -7.19 1.92 28.41
C GLY D 146 -6.14 1.01 27.78
N VAL D 147 -4.87 1.26 28.11
CA VAL D 147 -3.76 0.46 27.60
C VAL D 147 -3.33 -0.53 28.68
N THR D 148 -3.39 -1.82 28.36
CA THR D 148 -2.99 -2.88 29.29
C THR D 148 -1.47 -2.92 29.39
N PHE D 149 -0.98 -3.11 30.61
CA PHE D 149 0.43 -3.45 30.81
C PHE D 149 0.59 -4.63 31.77
N ARG D 150 1.47 -5.56 31.41
CA ARG D 150 1.72 -6.75 32.23
C ARG D 150 3.17 -7.22 32.17
N LYS D 151 3.66 -7.72 33.29
CA LYS D 151 5.05 -8.15 33.40
C LYS D 151 5.25 -9.50 32.69
N PHE D 152 6.30 -9.58 31.89
CA PHE D 152 6.62 -10.80 31.18
C PHE D 152 7.43 -11.73 32.09
N ILE D 153 7.06 -13.01 32.12
CA ILE D 153 7.78 -14.00 32.91
C ILE D 153 8.33 -15.09 31.97
N PRO D 154 9.64 -15.04 31.68
CA PRO D 154 10.23 -16.05 30.79
C PRO D 154 10.47 -17.41 31.46
N LYS D 155 10.63 -18.44 30.63
CA LYS D 155 10.99 -19.79 31.12
C LYS D 155 12.47 -19.85 31.46
N CYS D 156 13.33 -19.92 30.44
CA CYS D 156 14.77 -19.79 30.67
C CYS D 156 15.14 -18.33 30.60
N SER D 157 16.11 -17.93 31.42
CA SER D 157 16.62 -16.57 31.41
C SER D 157 17.50 -16.29 30.18
N LYS D 158 18.03 -17.35 29.55
CA LYS D 158 19.03 -17.21 28.50
C LYS D 158 18.65 -17.93 27.20
N ILE D 159 18.93 -17.30 26.06
CA ILE D 159 18.81 -17.92 24.75
C ILE D 159 20.12 -17.75 23.99
N VAL D 160 20.70 -18.85 23.56
CA VAL D 160 21.97 -18.81 22.84
C VAL D 160 21.72 -18.94 21.34
N ILE D 161 22.23 -17.99 20.56
CA ILE D 161 22.26 -18.11 19.10
C ILE D 161 23.66 -18.54 18.68
N ASP D 162 23.77 -19.70 18.05
CA ASP D 162 25.05 -20.21 17.57
C ASP D 162 25.03 -20.33 16.05
N PHE D 163 25.88 -19.55 15.37
CA PHE D 163 25.92 -19.55 13.91
C PHE D 163 26.51 -20.83 13.29
N ASP D 164 27.24 -21.60 14.08
CA ASP D 164 27.73 -22.93 13.66
C ASP D 164 26.63 -24.00 13.70
N SER D 165 25.49 -23.71 14.33
CA SER D 165 24.42 -24.69 14.54
C SER D 165 23.76 -25.25 13.28
N ILE D 166 24.15 -24.75 12.10
CA ILE D 166 23.64 -25.28 10.84
C ILE D 166 24.77 -25.80 9.95
N TYR E 9 29.01 -3.43 20.88
CA TYR E 9 27.60 -3.50 20.40
C TYR E 9 27.50 -4.37 19.14
N LEU E 10 26.32 -4.94 18.94
CA LEU E 10 26.05 -5.82 17.81
C LEU E 10 25.92 -5.00 16.52
N GLU E 11 26.73 -5.32 15.53
CA GLU E 11 26.65 -4.64 14.23
C GLU E 11 25.46 -5.18 13.43
N TRP E 12 25.06 -4.46 12.39
CA TRP E 12 23.81 -4.76 11.68
C TRP E 12 23.78 -6.09 10.91
N PRO E 13 24.90 -6.51 10.28
CA PRO E 13 24.83 -7.80 9.59
C PRO E 13 24.70 -8.96 10.57
N GLU E 14 25.44 -8.89 11.68
CA GLU E 14 25.35 -9.89 12.74
C GLU E 14 23.95 -9.90 13.34
N TYR E 15 23.38 -8.71 13.52
CA TYR E 15 22.02 -8.55 14.02
C TYR E 15 20.97 -9.23 13.13
N PHE E 16 21.00 -8.93 11.83
CA PHE E 16 20.02 -9.49 10.89
C PHE E 16 20.14 -10.99 10.74
N MET E 17 21.37 -11.50 10.73
CA MET E 17 21.56 -12.96 10.72
C MET E 17 21.10 -13.60 12.03
N ALA E 18 21.34 -12.91 13.15
CA ALA E 18 20.87 -13.37 14.46
C ALA E 18 19.34 -13.43 14.53
N VAL E 19 18.65 -12.46 13.93
CA VAL E 19 17.19 -12.52 13.84
C VAL E 19 16.75 -13.76 13.03
N ALA E 20 17.43 -14.05 11.92
CA ALA E 20 17.15 -15.24 11.14
C ALA E 20 17.30 -16.51 11.98
N PHE E 21 18.44 -16.62 12.68
CA PHE E 21 18.67 -17.77 13.55
C PHE E 21 17.69 -17.85 14.72
N LEU E 22 17.32 -16.69 15.29
CA LEU E 22 16.38 -16.66 16.40
C LEU E 22 15.00 -17.13 15.95
N SER E 23 14.61 -16.67 14.77
CA SER E 23 13.33 -17.04 14.17
C SER E 23 13.24 -18.54 13.89
N ALA E 24 14.36 -19.17 13.56
CA ALA E 24 14.38 -20.62 13.31
C ALA E 24 13.89 -21.42 14.52
N GLN E 25 14.13 -20.88 15.73
CA GLN E 25 13.70 -21.53 16.98
C GLN E 25 12.19 -21.52 17.21
N ARG E 26 11.46 -20.74 16.40
CA ARG E 26 9.99 -20.82 16.33
C ARG E 26 9.50 -22.10 15.65
N SER E 27 10.36 -22.78 14.90
CA SER E 27 9.94 -23.94 14.11
C SER E 27 9.58 -25.13 15.00
N LYS E 28 8.53 -25.84 14.61
CA LYS E 28 8.14 -27.09 15.27
C LYS E 28 8.76 -28.30 14.57
N ASP E 29 9.60 -28.06 13.56
CA ASP E 29 10.29 -29.14 12.85
C ASP E 29 11.38 -29.71 13.76
N PRO E 30 11.25 -31.01 14.14
CA PRO E 30 12.15 -31.59 15.13
C PRO E 30 13.55 -31.97 14.62
N ASN E 31 13.81 -31.83 13.32
CA ASN E 31 15.08 -32.26 12.75
C ASN E 31 15.88 -31.16 12.09
N SER E 32 15.20 -30.11 11.65
CA SER E 32 15.85 -28.98 10.99
C SER E 32 15.08 -27.72 11.29
N GLN E 33 15.78 -26.69 11.73
CA GLN E 33 15.19 -25.38 11.92
C GLN E 33 16.01 -24.38 11.13
N VAL E 34 15.33 -23.65 10.27
CA VAL E 34 15.94 -22.64 9.43
C VAL E 34 15.12 -21.37 9.56
N GLY E 35 15.82 -20.24 9.57
CA GLY E 35 15.18 -18.95 9.61
C GLY E 35 15.68 -18.03 8.50
N ALA E 36 14.85 -17.03 8.20
CA ALA E 36 15.16 -16.06 7.16
C ALA E 36 14.63 -14.70 7.59
N CYS E 37 15.33 -13.67 7.16
CA CYS E 37 15.02 -12.30 7.53
C CYS E 37 15.15 -11.47 6.25
N ILE E 38 14.13 -10.68 5.92
CA ILE E 38 14.20 -9.78 4.76
C ILE E 38 14.37 -8.35 5.25
N VAL E 39 15.32 -7.63 4.66
CA VAL E 39 15.70 -6.29 5.12
C VAL E 39 15.74 -5.31 3.94
N ASN E 40 15.09 -4.14 4.09
CA ASN E 40 15.09 -3.14 3.01
C ASN E 40 16.31 -2.24 3.05
N SER E 41 16.41 -1.30 2.11
CA SER E 41 17.62 -0.48 1.95
C SER E 41 17.86 0.50 3.12
N GLU E 42 16.86 0.72 3.96
CA GLU E 42 17.00 1.55 5.16
C GLU E 42 17.25 0.70 6.42
N ASN E 43 17.69 -0.55 6.24
CA ASN E 43 17.91 -1.49 7.34
C ASN E 43 16.70 -1.70 8.25
N LYS E 44 15.50 -1.66 7.65
CA LYS E 44 14.27 -2.04 8.36
C LYS E 44 13.92 -3.48 8.01
N ILE E 45 13.56 -4.28 9.01
CA ILE E 45 13.13 -5.66 8.81
C ILE E 45 11.73 -5.66 8.19
N VAL E 46 11.61 -6.20 6.98
CA VAL E 46 10.33 -6.18 6.24
C VAL E 46 9.66 -7.56 6.16
N GLY E 47 10.33 -8.61 6.63
CA GLY E 47 9.74 -9.94 6.67
C GLY E 47 10.60 -10.93 7.43
N ILE E 48 9.95 -11.80 8.20
CA ILE E 48 10.65 -12.86 8.92
C ILE E 48 9.94 -14.17 8.64
N GLY E 49 10.72 -15.24 8.51
CA GLY E 49 10.17 -16.56 8.25
C GLY E 49 10.95 -17.67 8.93
N TYR E 50 10.28 -18.79 9.12
CA TYR E 50 10.92 -20.03 9.56
C TYR E 50 10.20 -21.17 8.87
N ASN E 51 10.78 -22.37 8.88
CA ASN E 51 10.16 -23.50 8.21
C ASN E 51 8.99 -24.04 9.02
N GLY E 52 7.89 -24.36 8.35
CA GLY E 52 6.71 -24.86 9.01
C GLY E 52 5.60 -25.30 8.08
N MET E 53 4.53 -25.80 8.66
CA MET E 53 3.36 -26.17 7.89
C MET E 53 2.61 -24.88 7.51
N PRO E 54 1.77 -24.93 6.47
CA PRO E 54 1.05 -23.71 6.08
C PRO E 54 0.02 -23.23 7.12
N ASN E 55 -0.41 -21.98 6.98
CA ASN E 55 -1.38 -21.38 7.87
C ASN E 55 -2.62 -22.27 8.00
N GLY E 56 -3.03 -22.53 9.24
CA GLY E 56 -4.19 -23.36 9.52
C GLY E 56 -3.89 -24.85 9.54
N CYS E 57 -2.64 -25.22 9.24
CA CYS E 57 -2.23 -26.61 9.17
C CYS E 57 -1.12 -26.94 10.18
N SER E 58 -0.94 -26.10 11.20
CA SER E 58 0.19 -26.22 12.12
C SER E 58 -0.15 -26.89 13.47
N ASP E 59 -1.34 -27.44 13.60
CA ASP E 59 -1.77 -27.99 14.87
C ASP E 59 -1.36 -29.45 15.06
N ASP E 60 -0.09 -29.75 14.76
CA ASP E 60 0.48 -31.08 15.01
C ASP E 60 -0.37 -32.23 14.47
N VAL E 61 -0.90 -32.04 13.25
CA VAL E 61 -1.66 -33.08 12.55
C VAL E 61 -0.86 -33.64 11.35
N LEU E 62 -0.13 -32.78 10.65
CA LEU E 62 0.68 -33.22 9.50
C LEU E 62 1.99 -33.87 9.98
N PRO E 63 2.53 -34.82 9.20
CA PRO E 63 3.75 -35.52 9.64
C PRO E 63 5.03 -34.69 9.50
N TRP E 64 5.92 -34.83 10.48
CA TRP E 64 7.23 -34.18 10.47
C TRP E 64 8.36 -35.11 10.03
N ARG E 65 8.05 -36.41 9.94
CA ARG E 65 9.08 -37.39 9.66
C ARG E 65 9.63 -37.31 8.24
N ARG E 66 10.81 -37.89 8.07
CA ARG E 66 11.57 -37.81 6.83
C ARG E 66 11.58 -39.11 6.06
N THR E 67 11.25 -40.23 6.69
CA THR E 67 11.17 -41.52 5.99
C THR E 67 9.87 -42.26 6.33
N ALA E 68 9.34 -42.96 5.35
CA ALA E 68 8.10 -43.68 5.51
C ALA E 68 7.87 -44.59 4.32
N GLU E 69 6.88 -45.47 4.44
CA GLU E 69 6.47 -46.33 3.34
C GLU E 69 5.92 -45.51 2.17
N ASN E 70 5.18 -44.45 2.48
CA ASN E 70 4.58 -43.58 1.47
C ASN E 70 5.02 -42.13 1.67
N LYS E 71 5.38 -41.47 0.58
CA LYS E 71 5.84 -40.09 0.57
C LYS E 71 4.85 -39.13 1.25
N LEU E 72 3.54 -39.37 1.09
CA LEU E 72 2.49 -38.54 1.70
C LEU E 72 2.46 -38.63 3.23
N ASP E 73 3.20 -39.58 3.79
CA ASP E 73 3.37 -39.71 5.23
C ASP E 73 4.68 -39.10 5.71
N THR E 74 5.31 -38.29 4.86
CA THR E 74 6.48 -37.51 5.27
C THR E 74 6.11 -36.03 5.27
N LYS E 75 7.02 -35.20 5.78
CA LYS E 75 6.83 -33.76 5.82
C LYS E 75 6.93 -33.07 4.45
N TYR E 76 7.67 -33.69 3.53
CA TYR E 76 8.11 -33.02 2.31
C TYR E 76 7.00 -32.44 1.43
N PRO E 77 5.89 -33.19 1.23
CA PRO E 77 4.76 -32.63 0.45
C PRO E 77 4.07 -31.39 1.05
N TYR E 78 4.27 -31.12 2.34
CA TYR E 78 3.47 -30.16 3.08
C TYR E 78 4.25 -28.96 3.63
N VAL E 79 5.55 -29.13 3.86
CA VAL E 79 6.33 -28.15 4.58
C VAL E 79 6.69 -26.93 3.73
N CYS E 80 6.60 -25.76 4.37
CA CYS E 80 7.03 -24.50 3.79
C CYS E 80 8.41 -24.11 4.31
N HIS E 81 9.31 -23.80 3.39
CA HIS E 81 10.64 -23.34 3.76
C HIS E 81 10.59 -21.92 4.29
N ALA E 82 11.61 -21.56 5.05
CA ALA E 82 11.70 -20.28 5.75
C ALA E 82 11.63 -19.09 4.81
N GLU E 83 12.25 -19.25 3.63
CA GLU E 83 12.31 -18.18 2.66
C GLU E 83 10.93 -17.86 2.09
N LEU E 84 10.18 -18.90 1.76
CA LEU E 84 8.79 -18.77 1.31
C LEU E 84 7.97 -18.01 2.36
N ASN E 85 8.06 -18.44 3.61
CA ASN E 85 7.31 -17.80 4.68
C ASN E 85 7.72 -16.34 4.94
N ALA E 86 9.00 -16.03 4.78
CA ALA E 86 9.46 -14.65 5.01
C ALA E 86 8.89 -13.70 3.95
N ILE E 87 8.93 -14.16 2.71
CA ILE E 87 8.39 -13.42 1.57
C ILE E 87 6.87 -13.23 1.72
N MET E 88 6.17 -14.32 2.03
CA MET E 88 4.73 -14.27 2.22
C MET E 88 4.32 -13.60 3.55
N ASN E 89 5.23 -13.44 4.49
CA ASN E 89 4.92 -12.83 5.81
C ASN E 89 4.98 -11.31 5.87
N LYS E 90 5.50 -10.67 4.83
CA LYS E 90 5.13 -9.27 4.58
C LYS E 90 5.64 -8.84 3.23
N ASN E 91 4.70 -8.78 2.28
CA ASN E 91 4.84 -7.94 1.10
C ASN E 91 4.08 -6.67 1.46
N LEU E 92 4.71 -5.78 2.22
CA LEU E 92 4.09 -4.50 2.61
C LEU E 92 3.90 -3.67 1.34
N THR E 93 3.00 -4.16 0.49
CA THR E 93 3.04 -3.94 -0.95
C THR E 93 4.07 -4.91 -1.56
N ASP E 94 5.35 -4.78 -1.20
CA ASP E 94 6.38 -5.70 -1.70
C ASP E 94 7.72 -5.68 -0.94
N VAL E 95 8.58 -6.64 -1.27
CA VAL E 95 9.95 -6.72 -0.76
C VAL E 95 10.96 -6.54 -1.91
N LYS E 96 10.55 -5.81 -2.94
CA LYS E 96 11.40 -5.59 -4.11
C LYS E 96 12.60 -4.70 -3.75
N GLY E 97 13.78 -5.11 -4.20
CA GLY E 97 15.02 -4.40 -3.87
C GLY E 97 15.62 -4.78 -2.52
N CYS E 98 14.99 -5.72 -1.81
CA CYS E 98 15.42 -6.07 -0.46
C CYS E 98 16.51 -7.15 -0.46
N SER E 99 17.09 -7.35 0.72
CA SER E 99 18.09 -8.38 0.94
C SER E 99 17.53 -9.40 1.91
N MET E 100 17.85 -10.67 1.69
CA MET E 100 17.42 -11.74 2.58
C MET E 100 18.63 -12.31 3.32
N TYR E 101 18.53 -12.37 4.64
CA TYR E 101 19.49 -13.08 5.47
C TYR E 101 18.88 -14.43 5.78
N VAL E 102 19.58 -15.50 5.42
CA VAL E 102 19.06 -16.85 5.65
C VAL E 102 20.14 -17.75 6.25
N ALA E 103 19.72 -18.73 7.04
CA ALA E 103 20.65 -19.64 7.73
C ALA E 103 21.42 -20.52 6.75
N LEU E 104 20.69 -21.03 5.74
CA LEU E 104 21.24 -21.93 4.74
C LEU E 104 21.05 -21.33 3.36
N PHE E 105 22.00 -21.58 2.44
CA PHE E 105 21.80 -21.19 1.03
C PHE E 105 20.47 -21.75 0.49
N PRO E 106 19.61 -20.87 -0.06
CA PRO E 106 18.30 -21.35 -0.53
C PRO E 106 18.31 -22.46 -1.61
N CYS E 107 17.34 -23.36 -1.51
CA CYS E 107 17.12 -24.37 -2.55
C CYS E 107 16.60 -23.66 -3.82
N ASN E 108 16.51 -24.40 -4.91
CA ASN E 108 16.14 -23.84 -6.21
C ASN E 108 14.67 -23.40 -6.28
N GLU E 109 13.80 -24.03 -5.50
CA GLU E 109 12.40 -23.63 -5.42
C GLU E 109 12.22 -22.31 -4.68
N CYS E 110 12.99 -22.11 -3.61
CA CYS E 110 13.02 -20.82 -2.94
C CYS E 110 13.70 -19.76 -3.80
N ALA E 111 14.76 -20.14 -4.52
CA ALA E 111 15.37 -19.25 -5.51
C ALA E 111 14.35 -18.64 -6.47
N LYS E 112 13.46 -19.47 -7.00
CA LYS E 112 12.40 -18.99 -7.90
C LYS E 112 11.55 -17.91 -7.23
N LEU E 113 11.09 -18.18 -6.02
CA LEU E 113 10.29 -17.21 -5.26
C LEU E 113 11.07 -15.92 -5.02
N ILE E 114 12.31 -16.06 -4.55
CA ILE E 114 13.15 -14.91 -4.22
C ILE E 114 13.34 -14.02 -5.45
N ILE E 115 13.58 -14.63 -6.61
CA ILE E 115 13.74 -13.88 -7.85
C ILE E 115 12.45 -13.15 -8.23
N GLN E 116 11.32 -13.86 -8.22
CA GLN E 116 10.06 -13.28 -8.66
C GLN E 116 9.54 -12.20 -7.71
N ALA E 117 9.96 -12.28 -6.46
CA ALA E 117 9.65 -11.26 -5.44
C ALA E 117 10.45 -9.96 -5.61
N GLY E 118 11.52 -9.99 -6.40
CA GLY E 118 12.34 -8.79 -6.64
C GLY E 118 13.46 -8.60 -5.62
N ILE E 119 13.80 -9.66 -4.89
CA ILE E 119 14.92 -9.59 -3.95
C ILE E 119 16.24 -9.54 -4.71
N LYS E 120 17.13 -8.65 -4.31
CA LYS E 120 18.38 -8.43 -5.05
C LYS E 120 19.61 -9.05 -4.41
N GLU E 121 19.52 -9.43 -3.13
CA GLU E 121 20.68 -10.00 -2.45
C GLU E 121 20.32 -11.07 -1.42
N VAL E 122 21.10 -12.14 -1.41
CA VAL E 122 20.96 -13.21 -0.44
C VAL E 122 22.27 -13.33 0.34
N ILE E 123 22.18 -13.17 1.66
CA ILE E 123 23.31 -13.36 2.55
C ILE E 123 23.02 -14.64 3.35
N PHE E 124 23.89 -15.64 3.19
CA PHE E 124 23.70 -16.96 3.79
C PHE E 124 24.85 -17.30 4.71
N MET E 125 24.56 -18.10 5.75
CA MET E 125 25.58 -18.57 6.68
C MET E 125 26.23 -19.88 6.19
N SER E 126 25.40 -20.88 5.86
CA SER E 126 25.91 -22.20 5.50
C SER E 126 25.59 -22.55 4.04
N ASP E 127 26.57 -23.13 3.35
CA ASP E 127 26.34 -23.72 2.03
C ASP E 127 26.73 -25.21 2.07
N LYS E 128 26.28 -25.90 3.11
CA LYS E 128 26.68 -27.29 3.35
C LYS E 128 26.25 -28.26 2.25
N TYR E 129 25.18 -27.94 1.52
CA TYR E 129 24.74 -28.79 0.41
C TYR E 129 25.17 -28.24 -0.96
N HIS E 130 26.29 -27.52 -1.00
CA HIS E 130 26.72 -26.84 -2.24
C HIS E 130 26.94 -27.77 -3.43
N ASP E 131 27.35 -29.01 -3.19
CA ASP E 131 27.56 -29.98 -4.27
C ASP E 131 26.24 -30.63 -4.76
N SER E 132 25.11 -30.13 -4.27
CA SER E 132 23.78 -30.61 -4.67
C SER E 132 23.33 -30.09 -6.04
N ASP E 133 22.46 -30.88 -6.68
CA ASP E 133 21.80 -30.44 -7.90
C ASP E 133 20.91 -29.23 -7.65
N GLU E 134 20.16 -29.25 -6.54
CA GLU E 134 19.31 -28.13 -6.13
C GLU E 134 20.12 -26.83 -5.96
N ALA E 135 21.30 -26.96 -5.35
CA ALA E 135 22.17 -25.80 -5.12
C ALA E 135 22.68 -25.25 -6.45
N THR E 136 23.07 -26.14 -7.35
CA THR E 136 23.53 -25.75 -8.69
C THR E 136 22.46 -25.00 -9.47
N ALA E 137 21.23 -25.53 -9.46
CA ALA E 137 20.08 -24.85 -10.05
C ALA E 137 19.88 -23.47 -9.45
N ALA E 138 19.93 -23.38 -8.12
CA ALA E 138 19.75 -22.12 -7.41
C ALA E 138 20.76 -21.05 -7.84
N ARG E 139 22.04 -21.43 -7.85
CA ARG E 139 23.13 -20.55 -8.31
C ARG E 139 22.87 -20.08 -9.73
N LEU E 140 22.59 -21.02 -10.62
CA LEU E 140 22.30 -20.68 -12.03
C LEU E 140 21.22 -19.62 -12.12
N LEU E 141 20.09 -19.85 -11.46
CA LEU E 141 18.96 -18.92 -11.51
C LEU E 141 19.31 -17.55 -10.91
N PHE E 142 19.96 -17.55 -9.75
CA PHE E 142 20.37 -16.29 -9.10
C PHE E 142 21.33 -15.51 -9.99
N ASN E 143 22.34 -16.20 -10.53
CA ASN E 143 23.34 -15.54 -11.39
C ASN E 143 22.70 -14.97 -12.67
N MET E 144 21.86 -15.77 -13.32
CA MET E 144 21.08 -15.32 -14.50
C MET E 144 20.18 -14.14 -14.21
N ALA E 145 19.46 -14.21 -13.09
CA ALA E 145 18.52 -13.16 -12.70
C ALA E 145 19.20 -11.90 -12.16
N GLY E 146 20.48 -11.98 -11.81
CA GLY E 146 21.20 -10.84 -11.28
C GLY E 146 21.02 -10.68 -9.78
N VAL E 147 20.62 -11.76 -9.10
CA VAL E 147 20.56 -11.76 -7.65
C VAL E 147 21.93 -12.12 -7.10
N THR E 148 22.52 -11.18 -6.37
CA THR E 148 23.79 -11.40 -5.70
C THR E 148 23.63 -12.25 -4.46
N PHE E 149 24.61 -13.12 -4.20
CA PHE E 149 24.64 -13.89 -2.97
C PHE E 149 26.06 -13.94 -2.40
N ARG E 150 26.16 -13.83 -1.07
CA ARG E 150 27.45 -13.92 -0.40
C ARG E 150 27.37 -14.65 0.93
N LYS E 151 28.43 -15.40 1.23
CA LYS E 151 28.53 -16.14 2.47
C LYS E 151 28.84 -15.16 3.59
N PHE E 152 28.06 -15.28 4.66
CA PHE E 152 28.23 -14.43 5.83
C PHE E 152 29.39 -14.93 6.69
N ILE E 153 30.33 -14.04 6.95
CA ILE E 153 31.44 -14.28 7.86
C ILE E 153 31.19 -13.43 9.11
N PRO E 154 30.71 -14.05 10.19
CA PRO E 154 30.36 -13.31 11.40
C PRO E 154 31.58 -12.93 12.24
N LYS E 155 31.52 -11.75 12.85
CA LYS E 155 32.57 -11.30 13.78
C LYS E 155 32.69 -12.23 15.00
N CYS E 156 31.58 -12.83 15.41
CA CYS E 156 31.57 -13.83 16.49
C CYS E 156 30.59 -14.94 16.17
N SER E 157 30.84 -16.14 16.70
CA SER E 157 30.05 -17.32 16.33
C SER E 157 28.83 -17.56 17.23
N LYS E 158 28.81 -16.94 18.41
CA LYS E 158 27.70 -17.13 19.35
C LYS E 158 27.21 -15.79 19.91
N ILE E 159 25.90 -15.67 20.02
CA ILE E 159 25.24 -14.50 20.60
C ILE E 159 24.32 -14.99 21.72
N VAL E 160 24.48 -14.43 22.91
CA VAL E 160 23.64 -14.76 24.05
C VAL E 160 22.59 -13.67 24.26
N ILE E 161 21.32 -14.06 24.25
CA ILE E 161 20.22 -13.19 24.65
C ILE E 161 19.88 -13.54 26.08
N ASP E 162 20.02 -12.57 26.98
CA ASP E 162 19.76 -12.80 28.40
C ASP E 162 18.73 -11.81 28.94
N PHE E 163 17.57 -12.33 29.33
CA PHE E 163 16.48 -11.50 29.86
C PHE E 163 16.84 -10.85 31.21
N ASP E 164 17.78 -11.46 31.93
CA ASP E 164 18.31 -10.92 33.18
C ASP E 164 19.23 -9.71 32.98
N SER E 165 19.74 -9.52 31.76
CA SER E 165 20.72 -8.47 31.47
C SER E 165 20.23 -7.06 31.79
N ILE E 166 18.91 -6.86 31.76
CA ILE E 166 18.33 -5.57 32.07
C ILE E 166 18.46 -5.26 33.57
N ASN E 167 18.46 -6.29 34.41
CA ASN E 167 18.49 -6.12 35.87
C ASN E 167 19.84 -6.38 36.52
N SER E 168 20.73 -7.05 35.80
CA SER E 168 21.96 -7.56 36.38
C SER E 168 23.09 -6.55 36.34
N ARG E 169 24.11 -6.83 37.14
CA ARG E 169 25.29 -5.99 37.23
C ARG E 169 26.11 -6.12 35.94
N PRO E 170 26.52 -4.99 35.34
CA PRO E 170 27.33 -5.03 34.12
C PRO E 170 28.79 -5.36 34.41
N LYS F 5 -30.43 -3.74 -22.85
CA LYS F 5 -29.03 -4.27 -22.70
C LYS F 5 -28.79 -5.50 -23.57
N ARG F 6 -27.52 -5.81 -23.81
CA ARG F 6 -27.15 -7.03 -24.55
C ARG F 6 -27.54 -8.27 -23.76
N ASP F 7 -27.87 -9.34 -24.49
CA ASP F 7 -28.12 -10.65 -23.89
C ASP F 7 -27.15 -11.69 -24.45
N ASP F 8 -25.95 -11.25 -24.81
CA ASP F 8 -24.87 -12.15 -25.27
C ASP F 8 -23.47 -11.75 -24.72
N TYR F 9 -23.45 -10.92 -23.69
CA TYR F 9 -22.18 -10.45 -23.12
C TYR F 9 -21.43 -11.54 -22.35
N LEU F 10 -20.13 -11.32 -22.16
CA LEU F 10 -19.29 -12.25 -21.44
C LEU F 10 -19.50 -12.11 -19.94
N GLU F 11 -19.94 -13.19 -19.29
CA GLU F 11 -20.17 -13.18 -17.86
C GLU F 11 -18.88 -13.39 -17.09
N TRP F 12 -18.88 -13.00 -15.82
CA TRP F 12 -17.64 -12.88 -15.05
C TRP F 12 -16.87 -14.18 -14.80
N PRO F 13 -17.58 -15.31 -14.59
CA PRO F 13 -16.83 -16.55 -14.40
C PRO F 13 -16.01 -16.91 -15.63
N GLU F 14 -16.66 -16.84 -16.79
CA GLU F 14 -16.04 -17.14 -18.08
C GLU F 14 -14.94 -16.13 -18.40
N TYR F 15 -15.21 -14.86 -18.09
CA TYR F 15 -14.21 -13.81 -18.25
C TYR F 15 -12.93 -14.07 -17.47
N PHE F 16 -13.04 -14.38 -16.18
CA PHE F 16 -11.86 -14.59 -15.35
C PHE F 16 -11.06 -15.81 -15.78
N MET F 17 -11.74 -16.89 -16.16
CA MET F 17 -11.06 -18.05 -16.70
C MET F 17 -10.50 -17.77 -18.11
N ALA F 18 -11.17 -16.90 -18.88
CA ALA F 18 -10.66 -16.49 -20.18
C ALA F 18 -9.36 -15.69 -20.03
N VAL F 19 -9.30 -14.82 -19.02
CA VAL F 19 -8.08 -14.10 -18.70
C VAL F 19 -6.89 -15.04 -18.40
N ALA F 20 -7.15 -16.10 -17.62
CA ALA F 20 -6.13 -17.11 -17.32
C ALA F 20 -5.67 -17.84 -18.58
N PHE F 21 -6.61 -18.24 -19.43
CA PHE F 21 -6.27 -18.93 -20.68
C PHE F 21 -5.58 -18.02 -21.71
N LEU F 22 -5.95 -16.75 -21.75
CA LEU F 22 -5.25 -15.78 -22.60
C LEU F 22 -3.80 -15.60 -22.13
N SER F 23 -3.62 -15.42 -20.82
CA SER F 23 -2.29 -15.23 -20.25
CA SER F 23 -2.29 -15.24 -20.24
C SER F 23 -1.40 -16.45 -20.53
N ALA F 24 -1.97 -17.65 -20.44
CA ALA F 24 -1.23 -18.87 -20.72
C ALA F 24 -0.64 -18.85 -22.14
N GLN F 25 -1.30 -18.18 -23.08
CA GLN F 25 -0.82 -18.09 -24.48
C GLN F 25 0.52 -17.36 -24.64
N ARG F 26 0.93 -16.61 -23.62
CA ARG F 26 2.24 -15.99 -23.57
C ARG F 26 3.37 -16.98 -23.24
N SER F 27 3.04 -18.20 -22.82
CA SER F 27 4.05 -19.12 -22.31
C SER F 27 4.99 -19.58 -23.42
N LYS F 28 6.28 -19.67 -23.10
CA LYS F 28 7.27 -20.17 -24.05
C LYS F 28 7.45 -21.69 -23.91
N ASP F 29 6.75 -22.30 -22.96
CA ASP F 29 6.85 -23.74 -22.73
C ASP F 29 6.27 -24.49 -23.95
N PRO F 30 7.09 -25.36 -24.57
CA PRO F 30 6.63 -26.04 -25.78
C PRO F 30 5.55 -27.11 -25.58
N ASN F 31 5.40 -27.63 -24.35
CA ASN F 31 4.49 -28.73 -24.08
C ASN F 31 3.26 -28.36 -23.25
N SER F 32 3.43 -27.44 -22.31
CA SER F 32 2.34 -27.05 -21.40
C SER F 32 2.24 -25.53 -21.28
N GLN F 33 1.05 -24.99 -21.53
CA GLN F 33 0.78 -23.56 -21.36
C GLN F 33 -0.33 -23.38 -20.33
N VAL F 34 0.01 -22.83 -19.16
CA VAL F 34 -0.93 -22.70 -18.04
C VAL F 34 -0.99 -21.25 -17.56
N GLY F 35 -2.20 -20.80 -17.27
CA GLY F 35 -2.41 -19.44 -16.77
C GLY F 35 -3.23 -19.44 -15.49
N ALA F 36 -3.10 -18.36 -14.74
CA ALA F 36 -3.91 -18.19 -13.53
C ALA F 36 -4.25 -16.73 -13.31
N CYS F 37 -5.37 -16.51 -12.65
CA CYS F 37 -5.92 -15.18 -12.46
C CYS F 37 -6.42 -15.08 -11.02
N ILE F 38 -6.00 -14.05 -10.29
CA ILE F 38 -6.47 -13.85 -8.91
C ILE F 38 -7.46 -12.69 -8.86
N VAL F 39 -8.56 -12.89 -8.15
CA VAL F 39 -9.67 -11.95 -8.09
C VAL F 39 -10.06 -11.67 -6.64
N ASN F 40 -10.21 -10.40 -6.29
CA ASN F 40 -10.60 -10.04 -4.93
C ASN F 40 -12.12 -10.07 -4.74
N SER F 41 -12.59 -9.76 -3.53
CA SER F 41 -14.02 -9.84 -3.23
C SER F 41 -14.86 -8.77 -3.94
N GLU F 42 -14.21 -7.76 -4.50
CA GLU F 42 -14.90 -6.77 -5.33
C GLU F 42 -14.98 -7.23 -6.78
N ASN F 43 -14.63 -8.50 -7.05
CA ASN F 43 -14.57 -9.04 -8.41
C ASN F 43 -13.56 -8.28 -9.30
N LYS F 44 -12.51 -7.76 -8.68
CA LYS F 44 -11.43 -7.12 -9.42
C LYS F 44 -10.24 -8.07 -9.53
N ILE F 45 -9.60 -8.08 -10.69
CA ILE F 45 -8.38 -8.87 -10.91
C ILE F 45 -7.22 -8.20 -10.20
N VAL F 46 -6.52 -8.96 -9.37
CA VAL F 46 -5.40 -8.42 -8.60
C VAL F 46 -4.08 -9.11 -8.91
N GLY F 47 -4.09 -10.08 -9.81
CA GLY F 47 -2.89 -10.80 -10.16
C GLY F 47 -3.13 -11.75 -11.32
N ILE F 48 -2.19 -11.79 -12.25
CA ILE F 48 -2.27 -12.67 -13.42
C ILE F 48 -0.89 -13.30 -13.64
N GLY F 49 -0.87 -14.58 -13.95
CA GLY F 49 0.37 -15.31 -14.13
C GLY F 49 0.28 -16.36 -15.22
N TYR F 50 1.43 -16.75 -15.73
CA TYR F 50 1.53 -17.90 -16.61
C TYR F 50 2.84 -18.62 -16.31
N ASN F 51 2.99 -19.84 -16.81
CA ASN F 51 4.18 -20.63 -16.54
C ASN F 51 5.40 -20.23 -17.38
N GLY F 52 6.53 -20.05 -16.73
CA GLY F 52 7.75 -19.65 -17.42
C GLY F 52 8.97 -19.65 -16.52
N MET F 53 10.11 -19.28 -17.08
CA MET F 53 11.35 -19.16 -16.31
C MET F 53 11.31 -17.86 -15.52
N PRO F 54 12.07 -17.79 -14.42
CA PRO F 54 12.12 -16.57 -13.61
C PRO F 54 12.48 -15.32 -14.39
N ASN F 55 12.20 -14.17 -13.79
CA ASN F 55 12.50 -12.87 -14.40
C ASN F 55 14.00 -12.73 -14.72
N GLY F 56 14.28 -12.34 -15.96
CA GLY F 56 15.65 -12.15 -16.42
C GLY F 56 16.39 -13.43 -16.82
N CYS F 57 15.70 -14.57 -16.80
CA CYS F 57 16.31 -15.85 -17.09
C CYS F 57 15.90 -16.28 -18.49
N SER F 58 16.87 -16.44 -19.38
CA SER F 58 16.58 -16.61 -20.81
C SER F 58 15.96 -17.97 -21.11
N ASP F 59 14.94 -17.95 -21.96
CA ASP F 59 14.25 -19.16 -22.40
C ASP F 59 15.06 -19.95 -23.44
N ASP F 60 16.32 -19.57 -23.63
CA ASP F 60 17.20 -20.21 -24.61
C ASP F 60 18.30 -21.02 -23.92
N VAL F 61 18.84 -20.50 -22.82
CA VAL F 61 19.89 -21.22 -22.08
C VAL F 61 19.30 -22.34 -21.21
N LEU F 62 18.22 -22.02 -20.51
CA LEU F 62 17.54 -23.00 -19.66
C LEU F 62 16.77 -24.01 -20.52
N PRO F 63 16.85 -25.30 -20.17
CA PRO F 63 16.19 -26.35 -20.96
C PRO F 63 14.67 -26.39 -20.77
N TRP F 64 13.95 -26.75 -21.84
CA TRP F 64 12.48 -26.89 -21.78
C TRP F 64 12.00 -28.34 -21.77
N ARG F 65 12.90 -29.30 -21.96
CA ARG F 65 12.48 -30.71 -22.03
C ARG F 65 11.95 -31.25 -20.71
N ARG F 66 11.16 -32.31 -20.83
CA ARG F 66 10.50 -32.95 -19.70
C ARG F 66 11.31 -34.12 -19.15
N THR F 67 12.18 -34.70 -19.98
CA THR F 67 13.00 -35.83 -19.54
C THR F 67 14.44 -35.72 -20.03
N ALA F 68 15.36 -36.22 -19.20
CA ALA F 68 16.77 -36.31 -19.55
C ALA F 68 17.45 -37.21 -18.53
N GLU F 69 18.74 -37.46 -18.71
CA GLU F 69 19.53 -38.20 -17.72
C GLU F 69 19.63 -37.38 -16.43
N ASN F 70 20.16 -36.17 -16.57
CA ASN F 70 20.29 -35.24 -15.45
C ASN F 70 19.04 -34.35 -15.37
N LYS F 71 18.51 -34.19 -14.16
CA LYS F 71 17.32 -33.34 -13.95
C LYS F 71 17.62 -31.86 -14.25
N LEU F 72 18.87 -31.46 -14.07
CA LEU F 72 19.35 -30.11 -14.46
C LEU F 72 19.24 -29.84 -15.97
N ASP F 73 18.98 -30.88 -16.77
CA ASP F 73 18.72 -30.72 -18.21
C ASP F 73 17.23 -30.80 -18.54
N THR F 74 16.37 -30.72 -17.53
CA THR F 74 14.93 -30.59 -17.73
C THR F 74 14.45 -29.22 -17.21
N LYS F 75 13.21 -28.88 -17.52
CA LYS F 75 12.65 -27.58 -17.09
C LYS F 75 12.33 -27.50 -15.59
N TYR F 76 12.18 -28.64 -14.94
CA TYR F 76 11.56 -28.69 -13.61
C TYR F 76 12.31 -27.94 -12.49
N PRO F 77 13.64 -27.97 -12.49
CA PRO F 77 14.41 -27.17 -11.51
C PRO F 77 14.32 -25.65 -11.70
N TYR F 78 13.85 -25.21 -12.86
CA TYR F 78 13.93 -23.79 -13.25
C TYR F 78 12.57 -23.09 -13.40
N VAL F 79 11.56 -23.82 -13.84
CA VAL F 79 10.29 -23.22 -14.24
C VAL F 79 9.40 -22.78 -13.06
N CYS F 80 8.78 -21.63 -13.23
CA CYS F 80 7.80 -21.09 -12.29
C CYS F 80 6.39 -21.41 -12.80
N HIS F 81 5.56 -22.00 -11.94
CA HIS F 81 4.17 -22.27 -12.29
C HIS F 81 3.34 -20.99 -12.34
N ALA F 82 2.25 -21.04 -13.08
CA ALA F 82 1.35 -19.88 -13.26
C ALA F 82 0.88 -19.31 -11.93
N GLU F 83 0.57 -20.19 -10.97
CA GLU F 83 0.09 -19.78 -9.66
C GLU F 83 1.11 -18.94 -8.90
N LEU F 84 2.37 -19.39 -8.92
CA LEU F 84 3.45 -18.64 -8.28
C LEU F 84 3.52 -17.23 -8.89
N ASN F 85 3.55 -17.18 -10.21
CA ASN F 85 3.68 -15.91 -10.91
C ASN F 85 2.49 -15.00 -10.72
N ALA F 86 1.28 -15.56 -10.64
CA ALA F 86 0.08 -14.77 -10.36
C ALA F 86 0.18 -14.13 -8.99
N ILE F 87 0.60 -14.92 -8.00
CA ILE F 87 0.76 -14.43 -6.62
C ILE F 87 1.86 -13.37 -6.53
N MET F 88 2.99 -13.61 -7.18
CA MET F 88 4.11 -12.66 -7.16
C MET F 88 3.85 -11.42 -8.00
N ASN F 89 2.84 -11.46 -8.86
CA ASN F 89 2.38 -10.24 -9.53
C ASN F 89 1.28 -9.59 -8.71
N ASP F 94 -2.10 -6.87 -1.01
CA ASP F 94 -2.07 -8.31 -0.78
C ASP F 94 -3.20 -9.04 -1.51
N VAL F 95 -3.21 -10.37 -1.40
CA VAL F 95 -4.21 -11.22 -2.06
C VAL F 95 -5.06 -11.99 -1.04
N LYS F 96 -5.10 -11.50 0.19
CA LYS F 96 -5.80 -12.17 1.28
C LYS F 96 -7.31 -12.10 1.05
N GLY F 97 -7.95 -13.28 1.04
CA GLY F 97 -9.40 -13.40 0.88
C GLY F 97 -9.86 -13.50 -0.57
N CYS F 98 -8.91 -13.69 -1.48
CA CYS F 98 -9.18 -13.71 -2.91
C CYS F 98 -9.49 -15.12 -3.42
N SER F 99 -9.89 -15.19 -4.68
CA SER F 99 -10.16 -16.43 -5.40
C SER F 99 -9.18 -16.52 -6.55
N MET F 100 -8.70 -17.73 -6.84
CA MET F 100 -7.79 -17.94 -7.96
C MET F 100 -8.43 -18.81 -9.01
N TYR F 101 -8.48 -18.32 -10.25
CA TYR F 101 -8.92 -19.11 -11.41
C TYR F 101 -7.69 -19.66 -12.12
N VAL F 102 -7.65 -20.96 -12.30
CA VAL F 102 -6.46 -21.61 -12.85
C VAL F 102 -6.92 -22.70 -13.79
N ALA F 103 -6.19 -22.86 -14.90
CA ALA F 103 -6.52 -23.84 -15.92
C ALA F 103 -6.41 -25.27 -15.43
N LEU F 104 -5.46 -25.53 -14.53
CA LEU F 104 -5.16 -26.88 -14.04
C LEU F 104 -5.15 -26.86 -12.51
N PHE F 105 -5.68 -27.90 -11.87
CA PHE F 105 -5.63 -28.02 -10.41
C PHE F 105 -4.20 -27.80 -9.91
N PRO F 106 -4.02 -26.93 -8.88
CA PRO F 106 -2.68 -26.66 -8.33
C PRO F 106 -1.94 -27.89 -7.82
N CYS F 107 -0.62 -27.88 -8.01
CA CYS F 107 0.22 -28.86 -7.35
C CYS F 107 0.35 -28.49 -5.87
N ASN F 108 0.92 -29.40 -5.08
CA ASN F 108 1.04 -29.18 -3.64
C ASN F 108 1.96 -28.01 -3.28
N GLU F 109 2.97 -27.77 -4.11
CA GLU F 109 3.86 -26.65 -3.90
C GLU F 109 3.15 -25.33 -4.15
N CYS F 110 2.34 -25.29 -5.20
CA CYS F 110 1.51 -24.12 -5.47
C CYS F 110 0.45 -23.96 -4.39
N ALA F 111 -0.05 -25.09 -3.87
CA ALA F 111 -1.04 -25.08 -2.79
C ALA F 111 -0.50 -24.38 -1.54
N LYS F 112 0.73 -24.71 -1.14
CA LYS F 112 1.42 -24.02 -0.03
C LYS F 112 1.39 -22.51 -0.20
N LEU F 113 1.85 -22.04 -1.36
CA LEU F 113 1.89 -20.61 -1.70
C LEU F 113 0.52 -19.94 -1.64
N ILE F 114 -0.46 -20.62 -2.23
CA ILE F 114 -1.85 -20.16 -2.27
C ILE F 114 -2.39 -19.95 -0.84
N ILE F 115 -2.15 -20.93 0.03
CA ILE F 115 -2.57 -20.83 1.44
C ILE F 115 -1.86 -19.66 2.15
N GLN F 116 -0.54 -19.62 2.05
CA GLN F 116 0.26 -18.57 2.72
C GLN F 116 -0.02 -17.16 2.19
N ALA F 117 -0.48 -17.07 0.94
CA ALA F 117 -0.93 -15.81 0.34
C ALA F 117 -2.30 -15.35 0.86
N GLY F 118 -3.05 -16.26 1.47
CA GLY F 118 -4.37 -15.93 2.02
C GLY F 118 -5.51 -16.14 1.05
N ILE F 119 -5.24 -16.76 -0.09
CA ILE F 119 -6.29 -17.15 -1.04
C ILE F 119 -7.24 -18.17 -0.41
N LYS F 120 -8.54 -18.00 -0.67
CA LYS F 120 -9.60 -18.78 0.00
C LYS F 120 -10.35 -19.76 -0.89
N GLU F 121 -10.26 -19.60 -2.21
CA GLU F 121 -10.95 -20.49 -3.15
C GLU F 121 -10.13 -20.68 -4.40
N VAL F 122 -10.15 -21.91 -4.91
CA VAL F 122 -9.48 -22.26 -6.15
C VAL F 122 -10.52 -22.79 -7.14
N ILE F 123 -10.60 -22.12 -8.30
CA ILE F 123 -11.50 -22.53 -9.37
C ILE F 123 -10.66 -23.02 -10.55
N PHE F 124 -10.85 -24.28 -10.94
CA PHE F 124 -9.98 -24.94 -11.91
C PHE F 124 -10.79 -25.51 -13.09
N MET F 125 -10.15 -25.56 -14.25
CA MET F 125 -10.76 -26.13 -15.45
CA MET F 125 -10.74 -26.13 -15.46
C MET F 125 -10.51 -27.63 -15.51
N SER F 126 -9.25 -28.04 -15.36
CA SER F 126 -8.86 -29.45 -15.46
C SER F 126 -8.31 -30.03 -14.15
N ASP F 127 -8.70 -31.27 -13.87
CA ASP F 127 -8.15 -32.07 -12.79
C ASP F 127 -7.60 -33.39 -13.36
N LYS F 128 -6.88 -33.29 -14.47
CA LYS F 128 -6.23 -34.43 -15.16
C LYS F 128 -5.50 -35.38 -14.23
N TYR F 129 -4.77 -34.83 -13.27
CA TYR F 129 -3.85 -35.60 -12.43
C TYR F 129 -4.38 -35.78 -11.01
N HIS F 130 -5.70 -35.97 -10.89
CA HIS F 130 -6.38 -36.09 -9.60
C HIS F 130 -5.73 -37.14 -8.67
N ASP F 131 -5.31 -38.27 -9.24
CA ASP F 131 -4.77 -39.37 -8.42
C ASP F 131 -3.27 -39.23 -8.12
N SER F 132 -2.63 -38.16 -8.56
CA SER F 132 -1.20 -37.95 -8.29
C SER F 132 -0.98 -37.61 -6.82
N ASP F 133 0.22 -37.87 -6.33
CA ASP F 133 0.57 -37.49 -4.96
C ASP F 133 0.51 -35.95 -4.77
N GLU F 134 0.88 -35.23 -5.82
CA GLU F 134 0.93 -33.77 -5.80
C GLU F 134 -0.48 -33.17 -5.60
N ALA F 135 -1.43 -33.67 -6.38
CA ALA F 135 -2.81 -33.21 -6.30
C ALA F 135 -3.45 -33.66 -4.98
N THR F 136 -3.18 -34.91 -4.59
CA THR F 136 -3.69 -35.47 -3.33
C THR F 136 -3.23 -34.67 -2.10
N ALA F 137 -1.94 -34.35 -2.06
CA ALA F 137 -1.38 -33.50 -1.01
C ALA F 137 -1.94 -32.08 -1.07
N ALA F 138 -2.17 -31.55 -2.28
CA ALA F 138 -2.77 -30.22 -2.48
C ALA F 138 -4.18 -30.14 -1.88
N ARG F 139 -5.01 -31.14 -2.18
CA ARG F 139 -6.36 -31.22 -1.61
C ARG F 139 -6.35 -31.27 -0.08
N LEU F 140 -5.47 -32.08 0.51
CA LEU F 140 -5.38 -32.18 1.97
C LEU F 140 -5.02 -30.83 2.58
N LEU F 141 -4.01 -30.18 2.01
CA LEU F 141 -3.58 -28.87 2.49
C LEU F 141 -4.72 -27.86 2.40
N PHE F 142 -5.40 -27.80 1.26
CA PHE F 142 -6.56 -26.92 1.12
C PHE F 142 -7.64 -27.27 2.14
N ASN F 143 -7.96 -28.55 2.27
CA ASN F 143 -8.94 -29.00 3.25
C ASN F 143 -8.61 -28.47 4.63
N MET F 144 -7.36 -28.69 5.06
CA MET F 144 -6.92 -28.24 6.38
C MET F 144 -6.88 -26.74 6.54
N ALA F 145 -6.45 -26.02 5.51
CA ALA F 145 -6.36 -24.56 5.58
C ALA F 145 -7.70 -23.86 5.42
N GLY F 146 -8.76 -24.60 5.08
CA GLY F 146 -10.06 -24.00 4.82
C GLY F 146 -10.14 -23.32 3.47
N VAL F 147 -9.34 -23.79 2.51
CA VAL F 147 -9.40 -23.30 1.14
C VAL F 147 -10.32 -24.23 0.35
N THR F 148 -11.39 -23.69 -0.21
CA THR F 148 -12.32 -24.51 -0.96
C THR F 148 -11.94 -24.50 -2.43
N PHE F 149 -12.35 -25.54 -3.15
CA PHE F 149 -12.09 -25.64 -4.57
C PHE F 149 -13.28 -26.22 -5.30
N ARG F 150 -13.38 -25.88 -6.58
CA ARG F 150 -14.47 -26.37 -7.42
C ARG F 150 -14.08 -26.30 -8.90
N LYS F 151 -14.67 -27.20 -9.68
CA LYS F 151 -14.40 -27.29 -11.10
C LYS F 151 -15.23 -26.24 -11.83
N PHE F 152 -14.60 -25.53 -12.76
CA PHE F 152 -15.29 -24.57 -13.62
C PHE F 152 -15.91 -25.26 -14.82
N ILE F 153 -17.17 -24.96 -15.08
CA ILE F 153 -17.91 -25.48 -16.22
C ILE F 153 -18.26 -24.28 -17.15
N PRO F 154 -17.56 -24.16 -18.29
CA PRO F 154 -17.78 -23.04 -19.21
C PRO F 154 -19.16 -23.01 -19.88
N LYS F 155 -19.69 -21.81 -20.08
CA LYS F 155 -20.92 -21.58 -20.83
C LYS F 155 -20.72 -21.84 -22.34
N CYS F 156 -19.48 -21.72 -22.80
CA CYS F 156 -19.09 -22.15 -24.16
C CYS F 156 -17.58 -22.47 -24.21
N SER F 157 -17.16 -23.15 -25.25
CA SER F 157 -15.80 -23.70 -25.31
C SER F 157 -14.74 -22.75 -25.90
N LYS F 158 -15.18 -21.70 -26.60
CA LYS F 158 -14.27 -20.79 -27.28
C LYS F 158 -14.72 -19.34 -27.18
N ILE F 159 -13.72 -18.46 -27.17
CA ILE F 159 -13.94 -17.02 -27.20
C ILE F 159 -13.00 -16.46 -28.25
N VAL F 160 -13.55 -15.67 -29.17
CA VAL F 160 -12.77 -15.04 -30.21
C VAL F 160 -12.60 -13.56 -29.88
N ILE F 161 -11.37 -13.09 -29.96
CA ILE F 161 -11.06 -11.68 -29.79
C ILE F 161 -10.69 -11.15 -31.16
N ASP F 162 -11.41 -10.13 -31.61
CA ASP F 162 -11.20 -9.57 -32.94
C ASP F 162 -10.88 -8.08 -32.85
N PHE F 163 -9.64 -7.72 -33.15
CA PHE F 163 -9.20 -6.32 -33.08
C PHE F 163 -9.88 -5.44 -34.14
N ASP F 164 -10.40 -6.04 -35.20
CA ASP F 164 -11.12 -5.31 -36.26
C ASP F 164 -12.57 -5.00 -35.88
N SER F 165 -13.07 -5.61 -34.80
CA SER F 165 -14.47 -5.44 -34.37
C SER F 165 -14.84 -4.01 -33.95
N ILE F 166 -13.84 -3.23 -33.54
CA ILE F 166 -14.05 -1.84 -33.15
C ILE F 166 -14.29 -0.96 -34.39
N ASN F 167 -13.78 -1.38 -35.54
CA ASN F 167 -13.91 -0.62 -36.78
C ASN F 167 -15.35 -0.68 -37.30
#